data_1Y7F
# 
_entry.id   1Y7F 
# 
_audit_conform.dict_name       mmcif_pdbx.dic 
_audit_conform.dict_version    5.376 
_audit_conform.dict_location   http://mmcif.pdb.org/dictionaries/ascii/mmcif_pdbx.dic 
# 
loop_
_database_2.database_id 
_database_2.database_code 
_database_2.pdbx_database_accession 
_database_2.pdbx_DOI 
PDB   1Y7F         pdb_00001y7f 10.2210/pdb1y7f/pdb 
NDB   AD0034       ?            ?                   
RCSB  RCSB031210   ?            ?                   
WWPDB D_1000031210 ?            ?                   
# 
loop_
_pdbx_database_related.db_name 
_pdbx_database_related.db_id 
_pdbx_database_related.details 
_pdbx_database_related.content_type 
PDB 1Y84 
;Crystal structure of the A-DNA GCGTAT*CGC with a 2'-O-[2-(imidazolyl)ethyl] Thymidine (T*)
;
unspecified 
PDB 1Y86 
;Crystal structure of the A-DNA GCGTAT*CGC with a 2'-O-[2-(fluoro)ethyl] Thymidine (T*)
;
unspecified 
# 
_pdbx_database_status.status_code                     REL 
_pdbx_database_status.entry_id                        1Y7F 
_pdbx_database_status.recvd_initial_deposition_date   2004-12-08 
_pdbx_database_status.deposit_site                    RCSB 
_pdbx_database_status.process_site                    RCSB 
_pdbx_database_status.status_code_sf                  REL 
_pdbx_database_status.SG_entry                        . 
_pdbx_database_status.pdb_format_compatible           Y 
_pdbx_database_status.status_code_mr                  ? 
_pdbx_database_status.status_code_cs                  ? 
_pdbx_database_status.status_code_nmr_data            ? 
_pdbx_database_status.methods_development_category    ? 
# 
loop_
_audit_author.name 
_audit_author.pdbx_ordinal 
'Egli, M.'      1  
'Minasov, G.'   2  
'Tereshko, V.'  3  
'Pallan, P.S.'  4  
'Teplova, M.'   5  
'Inamati, G.B.' 6  
'Lesnik, E.A.'  7  
'Owens, S.R.'   8  
'Ross, B.S.'    9  
'Prakash, T.P.' 10 
'Manoharan, M.' 11 
# 
_citation.id                        primary 
_citation.title                     
;Probing the Influence of Stereoelectronic Effects on the Biophysical Properties of Oligonucleotides: Comprehensive Analysis of the RNA Affinity, Nuclease Resistance, and Crystal Structure of Ten 2'-O-Ribonucleic Acid Modifications.
;
_citation.journal_abbrev            Biochemistry 
_citation.journal_volume            44 
_citation.page_first                9045 
_citation.page_last                 9057 
_citation.year                      2005 
_citation.journal_id_ASTM           BICHAW 
_citation.country                   US 
_citation.journal_id_ISSN           0006-2960 
_citation.journal_id_CSD            0033 
_citation.book_publisher            ? 
_citation.pdbx_database_id_PubMed   15966728 
_citation.pdbx_database_id_DOI      10.1021/bi050574m 
# 
loop_
_citation_author.citation_id 
_citation_author.name 
_citation_author.ordinal 
_citation_author.identifier_ORCID 
primary 'Egli, M.'      1  ? 
primary 'Minasov, G.'   2  ? 
primary 'Tereshko, V.'  3  ? 
primary 'Pallan, P.S.'  4  ? 
primary 'Teplova, M.'   5  ? 
primary 'Inamati, G.B.' 6  ? 
primary 'Lesnik, E.A.'  7  ? 
primary 'Owens, S.R.'   8  ? 
primary 'Ross, B.S.'    9  ? 
primary 'Prakash, T.P.' 10 ? 
primary 'Manoharan, M.' 11 ? 
# 
_cell.entry_id           1Y7F 
_cell.length_a           24.989 
_cell.length_b           44.570 
_cell.length_c           45.115 
_cell.angle_alpha        90.00 
_cell.angle_beta         90.00 
_cell.angle_gamma        90.00 
_cell.Z_PDB              8 
_cell.pdbx_unique_axis   ? 
# 
_symmetry.entry_id                         1Y7F 
_symmetry.space_group_name_H-M             'P 21 21 21' 
_symmetry.pdbx_full_space_group_name_H-M   ? 
_symmetry.cell_setting                     ? 
_symmetry.Int_Tables_number                19 
_symmetry.space_group_name_Hall            ? 
# 
loop_
_entity.id 
_entity.type 
_entity.src_method 
_entity.pdbx_description 
_entity.formula_weight 
_entity.pdbx_number_of_molecules 
_entity.pdbx_ec 
_entity.pdbx_mutation 
_entity.pdbx_fragment 
_entity.details 
1 polymer     syn "5'-D(*GP*CP*GP*TP*AP*(2NT)P*AP*CP*GP*C)-3')" 3150.098 2   ? ? ? ? 
2 non-polymer syn 'BARIUM ION'                                  137.327  1   ? ? ? ? 
3 water       nat water                                         18.015   113 ? ? ? ? 
# 
_entity_poly.entity_id                      1 
_entity_poly.type                           polydeoxyribonucleotide 
_entity_poly.nstd_linkage                   no 
_entity_poly.nstd_monomer                   yes 
_entity_poly.pdbx_seq_one_letter_code       '(DG)(DC)(DG)(DT)(DA)(2NT)(DA)(DC)(DG)(DC)' 
_entity_poly.pdbx_seq_one_letter_code_can   GCGTATACGC 
_entity_poly.pdbx_strand_id                 A,B 
_entity_poly.pdbx_target_identifier         ? 
# 
loop_
_entity_poly_seq.entity_id 
_entity_poly_seq.num 
_entity_poly_seq.mon_id 
_entity_poly_seq.hetero 
1 1  DG  n 
1 2  DC  n 
1 3  DG  n 
1 4  DT  n 
1 5  DA  n 
1 6  2NT n 
1 7  DA  n 
1 8  DC  n 
1 9  DG  n 
1 10 DC  n 
# 
_struct_ref.id                         1 
_struct_ref.entity_id                  1 
_struct_ref.db_name                    PDB 
_struct_ref.db_code                    1Y7F 
_struct_ref.pdbx_db_accession          1Y7F 
_struct_ref.pdbx_db_isoform            ? 
_struct_ref.pdbx_seq_one_letter_code   ? 
_struct_ref.pdbx_align_begin           ? 
# 
loop_
_struct_ref_seq.align_id 
_struct_ref_seq.ref_id 
_struct_ref_seq.pdbx_PDB_id_code 
_struct_ref_seq.pdbx_strand_id 
_struct_ref_seq.seq_align_beg 
_struct_ref_seq.pdbx_seq_align_beg_ins_code 
_struct_ref_seq.seq_align_end 
_struct_ref_seq.pdbx_seq_align_end_ins_code 
_struct_ref_seq.pdbx_db_accession 
_struct_ref_seq.db_align_beg 
_struct_ref_seq.pdbx_db_align_beg_ins_code 
_struct_ref_seq.db_align_end 
_struct_ref_seq.pdbx_db_align_end_ins_code 
_struct_ref_seq.pdbx_auth_seq_align_beg 
_struct_ref_seq.pdbx_auth_seq_align_end 
1 1 1Y7F A 1 ? 10 ? 1Y7F 1  ? 10 ? 1  10 
2 1 1Y7F B 1 ? 10 ? 1Y7F 11 ? 20 ? 11 20 
# 
loop_
_chem_comp.id 
_chem_comp.type 
_chem_comp.mon_nstd_flag 
_chem_comp.name 
_chem_comp.pdbx_synonyms 
_chem_comp.formula 
_chem_comp.formula_weight 
2NT 'RNA linking' n 
;2'-O-[2-[HYDROXY(METHYLENEAMINO)OXY]ETHYL THYMIDINE-5'-MONOPHOSPHATE
;
? 'C13 H22 N3 O11 P' 427.301 
BA  non-polymer   . 'BARIUM ION'                                                           ? 'Ba 2'             137.327 
DA  'DNA linking' y "2'-DEOXYADENOSINE-5'-MONOPHOSPHATE"                                   ? 'C10 H14 N5 O6 P'  331.222 
DC  'DNA linking' y "2'-DEOXYCYTIDINE-5'-MONOPHOSPHATE"                                    ? 'C9 H14 N3 O7 P'   307.197 
DG  'DNA linking' y "2'-DEOXYGUANOSINE-5'-MONOPHOSPHATE"                                   ? 'C10 H14 N5 O7 P'  347.221 
DT  'DNA linking' y "THYMIDINE-5'-MONOPHOSPHATE"                                           ? 'C10 H15 N2 O8 P'  322.208 
HOH non-polymer   . WATER                                                                  ? 'H2 O'             18.015  
# 
_exptl.entry_id          1Y7F 
_exptl.method            'X-RAY DIFFRACTION' 
_exptl.crystals_number   1 
# 
_exptl_crystal.id                    1 
_exptl_crystal.density_meas          ? 
_exptl_crystal.density_Matthews      1.99 
_exptl_crystal.density_percent_sol   38.31 
_exptl_crystal.description           ? 
_exptl_crystal.F_000                 ? 
_exptl_crystal.preparation           ? 
# 
_exptl_crystal_grow.crystal_id      1 
_exptl_crystal_grow.method          'VAPOR DIFFUSION, HANGING DROP' 
_exptl_crystal_grow.temp            295 
_exptl_crystal_grow.temp_details    ? 
_exptl_crystal_grow.pH              6.3 
_exptl_crystal_grow.pdbx_details    
'20mM Na-Cacodilate, 2mM Spermine, 5mM Barium Chloride, pH 6.3, VAPOR DIFFUSION, HANGING DROP, temperature 295K' 
_exptl_crystal_grow.pdbx_pH_range   . 
# 
loop_
_exptl_crystal_grow_comp.crystal_id 
_exptl_crystal_grow_comp.id 
_exptl_crystal_grow_comp.sol_id 
_exptl_crystal_grow_comp.name 
_exptl_crystal_grow_comp.volume 
_exptl_crystal_grow_comp.conc 
_exptl_crystal_grow_comp.details 
1 1 1 'Na Cacodilate'   ? ? ? 
1 2 1 Spermine          ? ? ? 
1 3 1 'Barium Chloride' ? ? ? 
1 4 1 H2O               ? ? ? 
1 5 2 'Na Cacodilate'   ? ? ? 
1 6 2 'Barium Chloride' ? ? ? 
# 
_diffrn.id                     1 
_diffrn.ambient_temp           110 
_diffrn.ambient_temp_details   ? 
_diffrn.crystal_id             1 
# 
_diffrn_detector.diffrn_id              1 
_diffrn_detector.detector               'IMAGE PLATE' 
_diffrn_detector.type                   'RIGAKU RAXIS IIC' 
_diffrn_detector.pdbx_collection_date   1998-08-13 
_diffrn_detector.details                Mirrors 
# 
_diffrn_radiation.diffrn_id                        1 
_diffrn_radiation.wavelength_id                    1 
_diffrn_radiation.pdbx_monochromatic_or_laue_m_l   M 
_diffrn_radiation.monochromator                    ? 
_diffrn_radiation.pdbx_diffrn_protocol             'SINGLE WAVELENGTH' 
_diffrn_radiation.pdbx_scattering_type             x-ray 
# 
_diffrn_radiation_wavelength.id           1 
_diffrn_radiation_wavelength.wavelength   1.5418 
_diffrn_radiation_wavelength.wt           1.0 
# 
_diffrn_source.diffrn_id                   1 
_diffrn_source.source                      'ROTATING ANODE' 
_diffrn_source.type                        'RIGAKU RU200' 
_diffrn_source.pdbx_synchrotron_site       ? 
_diffrn_source.pdbx_synchrotron_beamline   ? 
_diffrn_source.pdbx_wavelength             1.5418 
_diffrn_source.pdbx_wavelength_list        ? 
# 
_reflns.entry_id                     1Y7F 
_reflns.observed_criterion_sigma_F   ? 
_reflns.observed_criterion_sigma_I   -3.0 
_reflns.d_resolution_high            1.6 
_reflns.d_resolution_low             50.0 
_reflns.number_all                   6913 
_reflns.number_obs                   6913 
_reflns.percent_possible_obs         97.5 
_reflns.pdbx_Rmerge_I_obs            0.068 
_reflns.pdbx_Rsym_value              ? 
_reflns.pdbx_netI_over_sigmaI        29.8 
_reflns.B_iso_Wilson_estimate        ? 
_reflns.pdbx_redundancy              7.2 
_reflns.R_free_details               ? 
_reflns.pdbx_chi_squared             ? 
_reflns.pdbx_scaling_rejects         ? 
_reflns.pdbx_diffrn_id               1 
_reflns.pdbx_ordinal                 1 
# 
_reflns_shell.d_res_high             1.60 
_reflns_shell.d_res_low              1.66 
_reflns_shell.percent_possible_all   90.3 
_reflns_shell.Rmerge_I_obs           0.337 
_reflns_shell.pdbx_Rsym_value        ? 
_reflns_shell.meanI_over_sigI_obs    3.4 
_reflns_shell.pdbx_redundancy        3.2 
_reflns_shell.percent_possible_obs   ? 
_reflns_shell.number_unique_all      627 
_reflns_shell.number_measured_all    ? 
_reflns_shell.number_measured_obs    ? 
_reflns_shell.number_unique_obs      ? 
_reflns_shell.pdbx_chi_squared       ? 
_reflns_shell.pdbx_diffrn_id         ? 
_reflns_shell.pdbx_ordinal           1 
# 
_refine.entry_id                                 1Y7F 
_refine.ls_d_res_high                            1.6 
_refine.ls_d_res_low                             17.0 
_refine.pdbx_ls_sigma_F                          0.0 
_refine.pdbx_ls_sigma_I                          0.0 
_refine.ls_number_reflns_all                     6678 
_refine.ls_number_reflns_obs                     6678 
_refine.ls_number_reflns_R_free                  726 
_refine.ls_percent_reflns_obs                    94.7 
_refine.ls_R_factor_all                          ? 
_refine.ls_R_factor_obs                          ? 
_refine.ls_R_factor_R_work                       0.1683 
_refine.ls_R_factor_R_free                       0.2002 
_refine.ls_redundancy_reflns_obs                 ? 
_refine.pdbx_data_cutoff_high_absF               ? 
_refine.pdbx_data_cutoff_low_absF                ? 
_refine.ls_number_parameters                     ? 
_refine.ls_number_restraints                     ? 
_refine.ls_percent_reflns_R_free                 ? 
_refine.ls_R_factor_R_free_error                 ? 
_refine.ls_R_factor_R_free_error_details         ? 
_refine.pdbx_method_to_determine_struct          'MOLECULAR REPLACEMENT' 
_refine.pdbx_starting_model                      'pdb entry 410D' 
_refine.pdbx_ls_cross_valid_method               THROUGHOUT 
_refine.pdbx_R_Free_selection_details            Random 
_refine.pdbx_stereochem_target_val_spec_case     ? 
_refine.pdbx_stereochemistry_target_values       ? 
_refine.solvent_model_details                    ? 
_refine.solvent_model_param_bsol                 ? 
_refine.solvent_model_param_ksol                 ? 
_refine.occupancy_max                            ? 
_refine.occupancy_min                            ? 
_refine.pdbx_isotropic_thermal_model             Isotropic 
_refine.B_iso_mean                               23.4 
_refine.aniso_B[1][1]                            -0.308 
_refine.aniso_B[1][2]                            0.000 
_refine.aniso_B[1][3]                            0.000 
_refine.aniso_B[2][2]                            -1.169 
_refine.aniso_B[2][3]                            0.000 
_refine.aniso_B[3][3]                            1.476 
_refine.details                                  'Conjugate gradient refinement using maximum likelihood target for amplitudes' 
_refine.correlation_coeff_Fo_to_Fc               ? 
_refine.correlation_coeff_Fo_to_Fc_free          ? 
_refine.pdbx_solvent_vdw_probe_radii             ? 
_refine.pdbx_solvent_ion_probe_radii             ? 
_refine.pdbx_solvent_shrinkage_radii             ? 
_refine.overall_SU_R_Cruickshank_DPI             ? 
_refine.overall_SU_R_free                        ? 
_refine.overall_SU_B                             ? 
_refine.overall_SU_ML                            ? 
_refine.pdbx_overall_ESU_R                       ? 
_refine.pdbx_overall_ESU_R_Free                  ? 
_refine.pdbx_data_cutoff_high_rms_absF           ? 
_refine.ls_wR_factor_R_free                      ? 
_refine.ls_wR_factor_R_work                      ? 
_refine.overall_FOM_free_R_set                   ? 
_refine.overall_FOM_work_R_set                   ? 
_refine.pdbx_refine_id                           'X-RAY DIFFRACTION' 
_refine.pdbx_diffrn_id                           1 
_refine.pdbx_TLS_residual_ADP_flag               ? 
_refine.pdbx_overall_phase_error                 ? 
_refine.pdbx_overall_SU_R_free_Cruickshank_DPI   ? 
_refine.pdbx_overall_SU_R_Blow_DPI               ? 
_refine.pdbx_overall_SU_R_free_Blow_DPI          ? 
# 
_refine_hist.pdbx_refine_id                   'X-RAY DIFFRACTION' 
_refine_hist.cycle_id                         LAST 
_refine_hist.pdbx_number_atoms_protein        0 
_refine_hist.pdbx_number_atoms_nucleic_acid   418 
_refine_hist.pdbx_number_atoms_ligand         1 
_refine_hist.number_atoms_solvent             124 
_refine_hist.number_atoms_total               543 
_refine_hist.d_res_high                       1.6 
_refine_hist.d_res_low                        17.0 
# 
loop_
_refine_ls_restr.type 
_refine_ls_restr.dev_ideal 
_refine_ls_restr.dev_ideal_target 
_refine_ls_restr.weight 
_refine_ls_restr.number 
_refine_ls_restr.pdbx_refine_id 
_refine_ls_restr.pdbx_restraint_function 
c_bond_d    0.0096 ? ? ? 'X-RAY DIFFRACTION' ? 
c_angle_deg 1.44   ? ? ? 'X-RAY DIFFRACTION' ? 
# 
_refine_ls_shell.pdbx_total_number_of_bins_used   ? 
_refine_ls_shell.d_res_high                       1.60 
_refine_ls_shell.d_res_low                        1.64 
_refine_ls_shell.number_reflns_R_work             ? 
_refine_ls_shell.R_factor_R_work                  0.2106 
_refine_ls_shell.percent_reflns_obs               89.6 
_refine_ls_shell.R_factor_R_free                  0.2502 
_refine_ls_shell.R_factor_R_free_error            ? 
_refine_ls_shell.percent_reflns_R_free            ? 
_refine_ls_shell.number_reflns_R_free             38 
_refine_ls_shell.redundancy_reflns_obs            ? 
_refine_ls_shell.pdbx_refine_id                   'X-RAY DIFFRACTION' 
_refine_ls_shell.number_reflns_all                ? 
_refine_ls_shell.R_factor_all                     ? 
# 
_struct.entry_id                  1Y7F 
_struct.title                     
;Crystal structure of the A-DNA GCGTAT*CGC with a 2'-O-[2-[hydroxy(methyleneamino)oxy]ethyl] Thymidine (T*)
;
_struct.pdbx_model_details        ? 
_struct.pdbx_CASP_flag            ? 
_struct.pdbx_model_type_details   ? 
# 
_struct_keywords.entry_id        1Y7F 
_struct_keywords.pdbx_keywords   DNA 
_struct_keywords.text            'A-DNA, modified, DNA' 
# 
loop_
_struct_asym.id 
_struct_asym.pdbx_blank_PDB_chainid_flag 
_struct_asym.pdbx_modified 
_struct_asym.entity_id 
_struct_asym.details 
A N N 1 ? 
B N N 1 ? 
C N N 2 ? 
D N N 3 ? 
E N N 3 ? 
# 
_struct_biol.id                    1 
_struct_biol.details               'Chains A and B form duplex' 
_struct_biol.pdbx_parent_biol_id   ? 
# 
loop_
_struct_conn.id 
_struct_conn.conn_type_id 
_struct_conn.pdbx_leaving_atom_flag 
_struct_conn.pdbx_PDB_id 
_struct_conn.ptnr1_label_asym_id 
_struct_conn.ptnr1_label_comp_id 
_struct_conn.ptnr1_label_seq_id 
_struct_conn.ptnr1_label_atom_id 
_struct_conn.pdbx_ptnr1_label_alt_id 
_struct_conn.pdbx_ptnr1_PDB_ins_code 
_struct_conn.pdbx_ptnr1_standard_comp_id 
_struct_conn.ptnr1_symmetry 
_struct_conn.ptnr2_label_asym_id 
_struct_conn.ptnr2_label_comp_id 
_struct_conn.ptnr2_label_seq_id 
_struct_conn.ptnr2_label_atom_id 
_struct_conn.pdbx_ptnr2_label_alt_id 
_struct_conn.pdbx_ptnr2_PDB_ins_code 
_struct_conn.ptnr1_auth_asym_id 
_struct_conn.ptnr1_auth_comp_id 
_struct_conn.ptnr1_auth_seq_id 
_struct_conn.ptnr2_auth_asym_id 
_struct_conn.ptnr2_auth_comp_id 
_struct_conn.ptnr2_auth_seq_id 
_struct_conn.ptnr2_symmetry 
_struct_conn.pdbx_ptnr3_label_atom_id 
_struct_conn.pdbx_ptnr3_label_seq_id 
_struct_conn.pdbx_ptnr3_label_comp_id 
_struct_conn.pdbx_ptnr3_label_asym_id 
_struct_conn.pdbx_ptnr3_label_alt_id 
_struct_conn.pdbx_ptnr3_PDB_ins_code 
_struct_conn.details 
_struct_conn.pdbx_dist_value 
_struct_conn.pdbx_value_order 
_struct_conn.pdbx_role 
covale1  covale both ? A DA  5  "O3'" ? ? ? 1_555 A 2NT 6  P  ? ? A DA  5  A 2NT 6  1_555 ? ? ? ? ? ? ?            1.594 ? ? 
covale2  covale both ? A 2NT 6  "O3'" ? ? ? 1_555 A DA  7  P  ? ? A 2NT 6  A DA  7  1_555 ? ? ? ? ? ? ?            1.602 ? ? 
covale3  covale both ? B DA  5  "O3'" ? ? ? 1_555 B 2NT 6  P  ? ? B DA  15 B 2NT 16 1_555 ? ? ? ? ? ? ?            1.596 ? ? 
covale4  covale both ? B 2NT 6  "O3'" ? ? ? 1_555 B DA  7  P  ? ? B 2NT 16 B DA  17 1_555 ? ? ? ? ? ? ?            1.605 ? ? 
hydrog1  hydrog ?    ? A DG  1  N1    ? ? ? 1_555 B DC  10 N3 ? ? A DG  1  B DC  20 1_555 ? ? ? ? ? ? WATSON-CRICK ?     ? ? 
hydrog2  hydrog ?    ? A DG  1  N2    ? ? ? 1_555 B DC  10 O2 ? ? A DG  1  B DC  20 1_555 ? ? ? ? ? ? WATSON-CRICK ?     ? ? 
hydrog3  hydrog ?    ? A DG  1  O6    ? ? ? 1_555 B DC  10 N4 ? ? A DG  1  B DC  20 1_555 ? ? ? ? ? ? WATSON-CRICK ?     ? ? 
hydrog4  hydrog ?    ? A DC  2  N3    ? ? ? 1_555 B DG  9  N1 ? ? A DC  2  B DG  19 1_555 ? ? ? ? ? ? WATSON-CRICK ?     ? ? 
hydrog5  hydrog ?    ? A DC  2  N4    ? ? ? 1_555 B DG  9  O6 ? ? A DC  2  B DG  19 1_555 ? ? ? ? ? ? WATSON-CRICK ?     ? ? 
hydrog6  hydrog ?    ? A DC  2  O2    ? ? ? 1_555 B DG  9  N2 ? ? A DC  2  B DG  19 1_555 ? ? ? ? ? ? WATSON-CRICK ?     ? ? 
hydrog7  hydrog ?    ? A DG  3  N1    ? ? ? 1_555 B DC  8  N3 ? ? A DG  3  B DC  18 1_555 ? ? ? ? ? ? WATSON-CRICK ?     ? ? 
hydrog8  hydrog ?    ? A DG  3  N2    ? ? ? 1_555 B DC  8  O2 ? ? A DG  3  B DC  18 1_555 ? ? ? ? ? ? WATSON-CRICK ?     ? ? 
hydrog9  hydrog ?    ? A DG  3  O6    ? ? ? 1_555 B DC  8  N4 ? ? A DG  3  B DC  18 1_555 ? ? ? ? ? ? WATSON-CRICK ?     ? ? 
hydrog10 hydrog ?    ? A DT  4  N3    ? ? ? 1_555 B DA  7  N1 ? ? A DT  4  B DA  17 1_555 ? ? ? ? ? ? WATSON-CRICK ?     ? ? 
hydrog11 hydrog ?    ? A DT  4  O4    ? ? ? 1_555 B DA  7  N6 ? ? A DT  4  B DA  17 1_555 ? ? ? ? ? ? WATSON-CRICK ?     ? ? 
hydrog12 hydrog ?    ? A DA  5  N1    ? ? ? 1_555 B 2NT 6  N3 ? ? A DA  5  B 2NT 16 1_555 ? ? ? ? ? ? WATSON-CRICK ?     ? ? 
hydrog13 hydrog ?    ? A DA  5  N6    ? ? ? 1_555 B 2NT 6  O4 ? ? A DA  5  B 2NT 16 1_555 ? ? ? ? ? ? WATSON-CRICK ?     ? ? 
hydrog14 hydrog ?    ? A 2NT 6  N3    ? ? ? 1_555 B DA  5  N1 ? ? A 2NT 6  B DA  15 1_555 ? ? ? ? ? ? WATSON-CRICK ?     ? ? 
hydrog15 hydrog ?    ? A 2NT 6  O4    ? ? ? 1_555 B DA  5  N6 ? ? A 2NT 6  B DA  15 1_555 ? ? ? ? ? ? WATSON-CRICK ?     ? ? 
hydrog16 hydrog ?    ? A DA  7  N1    ? ? ? 1_555 B DT  4  N3 ? ? A DA  7  B DT  14 1_555 ? ? ? ? ? ? WATSON-CRICK ?     ? ? 
hydrog17 hydrog ?    ? A DA  7  N6    ? ? ? 1_555 B DT  4  O4 ? ? A DA  7  B DT  14 1_555 ? ? ? ? ? ? WATSON-CRICK ?     ? ? 
hydrog18 hydrog ?    ? A DC  8  N3    ? ? ? 1_555 B DG  3  N1 ? ? A DC  8  B DG  13 1_555 ? ? ? ? ? ? WATSON-CRICK ?     ? ? 
hydrog19 hydrog ?    ? A DC  8  N4    ? ? ? 1_555 B DG  3  O6 ? ? A DC  8  B DG  13 1_555 ? ? ? ? ? ? WATSON-CRICK ?     ? ? 
hydrog20 hydrog ?    ? A DC  8  O2    ? ? ? 1_555 B DG  3  N2 ? ? A DC  8  B DG  13 1_555 ? ? ? ? ? ? WATSON-CRICK ?     ? ? 
hydrog21 hydrog ?    ? A DG  9  N1    ? ? ? 1_555 B DC  2  N3 ? ? A DG  9  B DC  12 1_555 ? ? ? ? ? ? WATSON-CRICK ?     ? ? 
hydrog22 hydrog ?    ? A DG  9  N2    ? ? ? 1_555 B DC  2  O2 ? ? A DG  9  B DC  12 1_555 ? ? ? ? ? ? WATSON-CRICK ?     ? ? 
hydrog23 hydrog ?    ? A DG  9  O6    ? ? ? 1_555 B DC  2  N4 ? ? A DG  9  B DC  12 1_555 ? ? ? ? ? ? WATSON-CRICK ?     ? ? 
hydrog24 hydrog ?    ? A DC  10 N3    ? ? ? 1_555 B DG  1  N1 ? ? A DC  10 B DG  11 1_555 ? ? ? ? ? ? WATSON-CRICK ?     ? ? 
hydrog25 hydrog ?    ? A DC  10 N4    ? ? ? 1_555 B DG  1  O6 ? ? A DC  10 B DG  11 1_555 ? ? ? ? ? ? WATSON-CRICK ?     ? ? 
hydrog26 hydrog ?    ? A DC  10 O2    ? ? ? 1_555 B DG  1  N2 ? ? A DC  10 B DG  11 1_555 ? ? ? ? ? ? WATSON-CRICK ?     ? ? 
# 
loop_
_struct_conn_type.id 
_struct_conn_type.criteria 
_struct_conn_type.reference 
covale ? ? 
hydrog ? ? 
# 
_struct_site.id                   AC1 
_struct_site.pdbx_evidence_code   Software 
_struct_site.pdbx_auth_asym_id    A 
_struct_site.pdbx_auth_comp_id    BA 
_struct_site.pdbx_auth_seq_id     100 
_struct_site.pdbx_auth_ins_code   ? 
_struct_site.pdbx_num_residues    7 
_struct_site.details              'BINDING SITE FOR RESIDUE BA A 100' 
# 
loop_
_struct_site_gen.id 
_struct_site_gen.site_id 
_struct_site_gen.pdbx_num_res 
_struct_site_gen.label_comp_id 
_struct_site_gen.label_asym_id 
_struct_site_gen.label_seq_id 
_struct_site_gen.pdbx_auth_ins_code 
_struct_site_gen.auth_comp_id 
_struct_site_gen.auth_asym_id 
_struct_site_gen.auth_seq_id 
_struct_site_gen.label_atom_id 
_struct_site_gen.label_alt_id 
_struct_site_gen.symmetry 
_struct_site_gen.details 
1 AC1 7 DG  A 3 ? DG  A 3   . ? 1_555 ? 
2 AC1 7 HOH D . ? HOH A 102 . ? 1_555 ? 
3 AC1 7 HOH D . ? HOH A 103 . ? 1_555 ? 
4 AC1 7 HOH D . ? HOH A 104 . ? 1_555 ? 
5 AC1 7 HOH D . ? HOH A 106 . ? 1_555 ? 
6 AC1 7 HOH E . ? HOH B 101 . ? 1_555 ? 
7 AC1 7 HOH E . ? HOH B 105 . ? 1_555 ? 
# 
_atom_sites.entry_id                    1Y7F 
_atom_sites.fract_transf_matrix[1][1]   -0.00130196 
_atom_sites.fract_transf_matrix[1][2]   0.02550111 
_atom_sites.fract_transf_matrix[1][3]   -0.03081296 
_atom_sites.fract_transf_matrix[2][1]   0.01692820 
_atom_sites.fract_transf_matrix[2][2]   -0.01098541 
_atom_sites.fract_transf_matrix[2][3]   -0.00980691 
_atom_sites.fract_transf_matrix[3][1]   -0.01453024 
_atom_sites.fract_transf_matrix[3][2]   -0.01319211 
_atom_sites.fract_transf_matrix[3][3]   -0.01030397 
_atom_sites.fract_transf_vector[1]      0.128462 
_atom_sites.fract_transf_vector[2]      0.044206 
_atom_sites.fract_transf_vector[3]      0.258840 
# 
loop_
_atom_type.symbol 
BA 
C  
N  
O  
P  
# 
loop_
_atom_site.group_PDB 
_atom_site.id 
_atom_site.type_symbol 
_atom_site.label_atom_id 
_atom_site.label_alt_id 
_atom_site.label_comp_id 
_atom_site.label_asym_id 
_atom_site.label_entity_id 
_atom_site.label_seq_id 
_atom_site.pdbx_PDB_ins_code 
_atom_site.Cartn_x 
_atom_site.Cartn_y 
_atom_site.Cartn_z 
_atom_site.occupancy 
_atom_site.B_iso_or_equiv 
_atom_site.pdbx_formal_charge 
_atom_site.auth_seq_id 
_atom_site.auth_comp_id 
_atom_site.auth_asym_id 
_atom_site.auth_atom_id 
_atom_site.pdbx_PDB_model_num 
ATOM   1   O  "O5'" . DG  A 1 1  ? -8.300  -3.696  6.773   1.00 31.61 ? 1   DG  A "O5'" 1 
ATOM   2   C  "C5'" . DG  A 1 1  ? -9.705  -3.795  6.532   1.00 28.58 ? 1   DG  A "C5'" 1 
ATOM   3   C  "C4'" . DG  A 1 1  ? -10.348 -2.615  7.217   1.00 27.39 ? 1   DG  A "C4'" 1 
ATOM   4   O  "O4'" . DG  A 1 1  ? -10.011 -2.655  8.621   1.00 24.11 ? 1   DG  A "O4'" 1 
ATOM   5   C  "C3'" . DG  A 1 1  ? -9.825  -1.274  6.721   1.00 24.17 ? 1   DG  A "C3'" 1 
ATOM   6   O  "O3'" . DG  A 1 1  ? -10.614 -0.852  5.617   1.00 23.79 ? 1   DG  A "O3'" 1 
ATOM   7   C  "C2'" . DG  A 1 1  ? -10.002 -0.380  7.937   1.00 24.23 ? 1   DG  A "C2'" 1 
ATOM   8   C  "C1'" . DG  A 1 1  ? -9.721  -1.335  9.097   1.00 24.84 ? 1   DG  A "C1'" 1 
ATOM   9   N  N9    . DG  A 1 1  ? -8.336  -1.343  9.558   1.00 20.92 ? 1   DG  A N9    1 
ATOM   10  C  C8    . DG  A 1 1  ? -7.473  -2.422  9.531   1.00 23.33 ? 1   DG  A C8    1 
ATOM   11  N  N7    . DG  A 1 1  ? -6.287  -2.146  10.001  1.00 21.34 ? 1   DG  A N7    1 
ATOM   12  C  C5    . DG  A 1 1  ? -6.369  -0.798  10.366  1.00 20.28 ? 1   DG  A C5    1 
ATOM   13  C  C6    . DG  A 1 1  ? -5.388  0.064   10.936  1.00 20.06 ? 1   DG  A C6    1 
ATOM   14  O  O6    . DG  A 1 1  ? -4.211  -0.188  11.235  1.00 20.66 ? 1   DG  A O6    1 
ATOM   15  N  N1    . DG  A 1 1  ? -5.898  1.347   11.153  1.00 16.93 ? 1   DG  A N1    1 
ATOM   16  C  C2    . DG  A 1 1  ? -7.190  1.739   10.856  1.00 14.99 ? 1   DG  A C2    1 
ATOM   17  N  N2    . DG  A 1 1  ? -7.517  3.029   11.143  1.00 16.10 ? 1   DG  A N2    1 
ATOM   18  N  N3    . DG  A 1 1  ? -8.101  0.943   10.322  1.00 18.27 ? 1   DG  A N3    1 
ATOM   19  C  C4    . DG  A 1 1  ? -7.628  -0.298  10.105  1.00 20.64 ? 1   DG  A C4    1 
ATOM   20  P  P     . DC  A 1 2  ? -9.941  -0.048  4.403   1.00 23.91 ? 2   DC  A P     1 
ATOM   21  O  OP1   . DC  A 1 2  ? -10.973 0.099   3.334   1.00 24.83 ? 2   DC  A OP1   1 
ATOM   22  O  OP2   . DC  A 1 2  ? -8.629  -0.689  4.084   1.00 24.97 ? 2   DC  A OP2   1 
ATOM   23  O  "O5'" . DC  A 1 2  ? -9.607  1.393   5.003   1.00 22.85 ? 2   DC  A "O5'" 1 
ATOM   24  C  "C5'" . DC  A 1 2  ? -10.628 2.294   5.441   1.00 20.06 ? 2   DC  A "C5'" 1 
ATOM   25  C  "C4'" . DC  A 1 2  ? -9.981  3.470   6.138   1.00 18.59 ? 2   DC  A "C4'" 1 
ATOM   26  O  "O4'" . DC  A 1 2  ? -9.266  3.004   7.300   1.00 19.28 ? 2   DC  A "O4'" 1 
ATOM   27  C  "C3'" . DC  A 1 2  ? -8.919  4.185   5.311   1.00 17.71 ? 2   DC  A "C3'" 1 
ATOM   28  O  "O3'" . DC  A 1 2  ? -9.531  5.146   4.471   1.00 20.83 ? 2   DC  A "O3'" 1 
ATOM   29  C  "C2'" . DC  A 1 2  ? -8.020  4.813   6.364   1.00 17.31 ? 2   DC  A "C2'" 1 
ATOM   30  C  "C1'" . DC  A 1 2  ? -8.068  3.773   7.481   1.00 17.09 ? 2   DC  A "C1'" 1 
ATOM   31  N  N1    . DC  A 1 2  ? -6.922  2.852   7.509   1.00 17.59 ? 2   DC  A N1    1 
ATOM   32  C  C2    . DC  A 1 2  ? -5.772  3.253   8.213   1.00 18.32 ? 2   DC  A C2    1 
ATOM   33  O  O2    . DC  A 1 2  ? -5.756  4.394   8.707   1.00 18.81 ? 2   DC  A O2    1 
ATOM   34  N  N3    . DC  A 1 2  ? -4.712  2.405   8.331   1.00 16.54 ? 2   DC  A N3    1 
ATOM   35  C  C4    . DC  A 1 2  ? -4.769  1.196   7.764   1.00 16.34 ? 2   DC  A C4    1 
ATOM   36  N  N4    . DC  A 1 2  ? -3.727  0.377   7.949   1.00 16.64 ? 2   DC  A N4    1 
ATOM   37  C  C5    . DC  A 1 2  ? -5.913  0.773   6.988   1.00 15.61 ? 2   DC  A C5    1 
ATOM   38  C  C6    . DC  A 1 2  ? -6.959  1.633   6.888   1.00 17.39 ? 2   DC  A C6    1 
ATOM   39  P  P     . DG  A 1 3  ? -8.707  5.772   3.247   1.00 20.29 ? 3   DG  A P     1 
ATOM   40  O  OP1   . DG  A 1 3  ? -9.559  6.797   2.578   1.00 21.23 ? 3   DG  A OP1   1 
ATOM   41  O  OP2   . DG  A 1 3  ? -8.116  4.684   2.465   1.00 20.94 ? 3   DG  A OP2   1 
ATOM   42  O  "O5'" . DG  A 1 3  ? -7.538  6.524   4.026   1.00 19.55 ? 3   DG  A "O5'" 1 
ATOM   43  C  "C5'" . DG  A 1 3  ? -6.239  6.702   3.461   1.00 19.33 ? 3   DG  A "C5'" 1 
ATOM   44  C  "C4'" . DG  A 1 3  ? -5.351  7.357   4.493   1.00 18.08 ? 3   DG  A "C4'" 1 
ATOM   45  O  "O4'" . DG  A 1 3  ? -5.172  6.423   5.574   1.00 17.74 ? 3   DG  A "O4'" 1 
ATOM   46  C  "C3'" . DG  A 1 3  ? -3.955  7.687   4.012   1.00 20.00 ? 3   DG  A "C3'" 1 
ATOM   47  O  "O3'" . DG  A 1 3  ? -3.923  8.988   3.441   1.00 18.16 ? 3   DG  A "O3'" 1 
ATOM   48  C  "C2'" . DG  A 1 3  ? -3.137  7.609   5.280   1.00 18.39 ? 3   DG  A "C2'" 1 
ATOM   49  C  "C1'" . DG  A 1 3  ? -3.823  6.492   6.041   1.00 17.99 ? 3   DG  A "C1'" 1 
ATOM   50  N  N9    . DG  A 1 3  ? -3.210  5.173   5.858   1.00 15.49 ? 3   DG  A N9    1 
ATOM   51  C  C8    . DG  A 1 3  ? -3.803  4.041   5.359   1.00 15.59 ? 3   DG  A C8    1 
ATOM   52  N  N7    . DG  A 1 3  ? -3.024  2.989   5.430   1.00 17.98 ? 3   DG  A N7    1 
ATOM   53  C  C5    . DG  A 1 3  ? -1.844  3.464   5.980   1.00 17.32 ? 3   DG  A C5    1 
ATOM   54  C  C6    . DG  A 1 3  ? -0.670  2.781   6.304   1.00 16.11 ? 3   DG  A C6    1 
ATOM   55  O  O6    . DG  A 1 3  ? -0.439  1.572   6.162   1.00 17.32 ? 3   DG  A O6    1 
ATOM   56  N  N1    . DG  A 1 3  ? 0.295   3.634   6.845   1.00 16.75 ? 3   DG  A N1    1 
ATOM   57  C  C2    . DG  A 1 3  ? 0.120   4.998   7.030   1.00 17.27 ? 3   DG  A C2    1 
ATOM   58  N  N2    . DG  A 1 3  ? 1.148   5.690   7.547   1.00 15.80 ? 3   DG  A N2    1 
ATOM   59  N  N3    . DG  A 1 3  ? -0.991  5.641   6.724   1.00 16.38 ? 3   DG  A N3    1 
ATOM   60  C  C4    . DG  A 1 3  ? -1.927  4.816   6.217   1.00 15.90 ? 3   DG  A C4    1 
ATOM   61  P  P     . DT  A 1 4  ? -2.888  9.296   2.258   1.00 18.82 ? 4   DT  A P     1 
ATOM   62  O  OP1   . DT  A 1 4  ? -3.252  10.674  1.774   1.00 21.65 ? 4   DT  A OP1   1 
ATOM   63  O  OP2   . DT  A 1 4  ? -2.780  8.179   1.291   1.00 19.34 ? 4   DT  A OP2   1 
ATOM   64  O  "O5'" . DT  A 1 4  ? -1.477  9.351   2.996   1.00 17.90 ? 4   DT  A "O5'" 1 
ATOM   65  C  "C5'" . DT  A 1 4  ? -1.103  10.471  3.804   1.00 14.71 ? 4   DT  A "C5'" 1 
ATOM   66  C  "C4'" . DT  A 1 4  ? 0.382   10.410  4.092   1.00 17.69 ? 4   DT  A "C4'" 1 
ATOM   67  O  "O4'" . DT  A 1 4  ? 0.658   9.292   4.973   1.00 18.73 ? 4   DT  A "O4'" 1 
ATOM   68  C  "C3'" . DT  A 1 4  ? 1.213   10.126  2.850   1.00 19.26 ? 4   DT  A "C3'" 1 
ATOM   69  O  "O3'" . DT  A 1 4  ? 1.517   11.309  2.092   1.00 19.15 ? 4   DT  A "O3'" 1 
ATOM   70  C  "C2'" . DT  A 1 4  ? 2.453   9.449   3.405   1.00 16.72 ? 4   DT  A "C2'" 1 
ATOM   71  C  "C1'" . DT  A 1 4  ? 1.905   8.686   4.608   1.00 17.06 ? 4   DT  A "C1'" 1 
ATOM   72  N  N1    . DT  A 1 4  ? 1.648   7.261   4.312   1.00 14.52 ? 4   DT  A N1    1 
ATOM   73  C  C2    . DT  A 1 4  ? 2.633   6.335   4.604   1.00 16.96 ? 4   DT  A C2    1 
ATOM   74  O  O2    . DT  A 1 4  ? 3.734   6.647   5.045   1.00 16.40 ? 4   DT  A O2    1 
ATOM   75  N  N3    . DT  A 1 4  ? 2.288   5.040   4.345   1.00 15.36 ? 4   DT  A N3    1 
ATOM   76  C  C4    . DT  A 1 4  ? 1.108   4.587   3.764   1.00 12.94 ? 4   DT  A C4    1 
ATOM   77  O  O4    . DT  A 1 4  ? 0.943   3.390   3.551   1.00 15.03 ? 4   DT  A O4    1 
ATOM   78  C  C5    . DT  A 1 4  ? 0.144   5.621   3.435   1.00 11.64 ? 4   DT  A C5    1 
ATOM   79  C  C7    . DT  A 1 4  ? -1.132  5.240   2.752   1.00 15.68 ? 4   DT  A C7    1 
ATOM   80  C  C6    . DT  A 1 4  ? 0.452   6.882   3.748   1.00 15.76 ? 4   DT  A C6    1 
ATOM   81  P  P     . DA  A 1 5  ? 1.768   11.175  0.528   1.00 21.87 ? 5   DA  A P     1 
ATOM   82  O  OP1   . DA  A 1 5  ? 2.058   12.559  0.047   1.00 24.48 ? 5   DA  A OP1   1 
ATOM   83  O  OP2   . DA  A 1 5  ? 0.683   10.396  -0.113  1.00 23.76 ? 5   DA  A OP2   1 
ATOM   84  O  "O5'" . DA  A 1 5  ? 3.119   10.334  0.444   1.00 19.99 ? 5   DA  A "O5'" 1 
ATOM   85  C  "C5'" . DA  A 1 5  ? 3.345   9.362   -0.572  1.00 21.24 ? 5   DA  A "C5'" 1 
ATOM   86  C  "C4'" . DA  A 1 5  ? 4.614   8.610   -0.266  1.00 21.32 ? 5   DA  A "C4'" 1 
ATOM   87  O  "O4'" . DA  A 1 5  ? 4.454   7.857   0.953   1.00 19.16 ? 5   DA  A "O4'" 1 
ATOM   88  C  "C3'" . DA  A 1 5  ? 5.034   7.588   -1.300  1.00 21.64 ? 5   DA  A "C3'" 1 
ATOM   89  O  "O3'" . DA  A 1 5  ? 5.717   8.222   -2.384  1.00 23.13 ? 5   DA  A "O3'" 1 
ATOM   90  C  "C2'" . DA  A 1 5  ? 5.908   6.648   -0.495  1.00 20.15 ? 5   DA  A "C2'" 1 
ATOM   91  C  "C1'" . DA  A 1 5  ? 5.198   6.644   0.875   1.00 18.69 ? 5   DA  A "C1'" 1 
ATOM   92  N  N9    . DA  A 1 5  ? 4.243   5.541   0.969   1.00 17.49 ? 5   DA  A N9    1 
ATOM   93  C  C8    . DA  A 1 5  ? 2.881   5.573   0.803   1.00 18.02 ? 5   DA  A C8    1 
ATOM   94  N  N7    . DA  A 1 5  ? 2.314   4.387   0.854   1.00 16.92 ? 5   DA  A N7    1 
ATOM   95  C  C5    . DA  A 1 5  ? 3.370   3.528   1.118   1.00 15.81 ? 5   DA  A C5    1 
ATOM   96  C  C6    . DA  A 1 5  ? 3.428   2.124   1.319   1.00 15.87 ? 5   DA  A C6    1 
ATOM   97  N  N6    . DA  A 1 5  ? 2.350   1.328   1.291   1.00 13.22 ? 5   DA  A N6    1 
ATOM   98  N  N1    . DA  A 1 5  ? 4.634   1.579   1.546   1.00 13.85 ? 5   DA  A N1    1 
ATOM   99  C  C2    . DA  A 1 5  ? 5.706   2.377   1.577   1.00 17.24 ? 5   DA  A C2    1 
ATOM   100 N  N3    . DA  A 1 5  ? 5.775   3.705   1.412   1.00 16.03 ? 5   DA  A N3    1 
ATOM   101 C  C4    . DA  A 1 5  ? 4.559   4.219   1.192   1.00 17.02 ? 5   DA  A C4    1 
HETATM 102 P  P     . 2NT A 1 6  ? 5.646   7.578   -3.840  1.00 20.99 ? 6   2NT A P     1 
HETATM 103 O  OP2   . 2NT A 1 6  ? 4.265   7.313   -4.206  1.00 22.40 ? 6   2NT A OP2   1 
HETATM 104 O  "O5'" . 2NT A 1 6  ? 6.463   6.224   -3.676  1.00 20.14 ? 6   2NT A "O5'" 1 
HETATM 105 C  "C5'" . 2NT A 1 6  ? 7.841   6.245   -3.307  1.00 21.29 ? 6   2NT A "C5'" 1 
HETATM 106 C  "C4'" . 2NT A 1 6  ? 8.358   4.838   -3.162  1.00 20.75 ? 6   2NT A "C4'" 1 
HETATM 107 O  "O4'" . 2NT A 1 6  ? 7.777   4.247   -1.969  1.00 19.77 ? 6   2NT A "O4'" 1 
HETATM 108 C  "C1'" . 2NT A 1 6  ? 7.546   2.866   -2.196  1.00 21.24 ? 6   2NT A "C1'" 1 
HETATM 109 N  N1    . 2NT A 1 6  ? 6.083   2.611   -2.122  1.00 19.12 ? 6   2NT A N1    1 
HETATM 110 C  C6    . 2NT A 1 6  ? 5.131   3.578   -2.395  1.00 19.21 ? 6   2NT A C6    1 
HETATM 111 C  C2    . 2NT A 1 6  ? 5.720   1.335   -1.786  1.00 18.05 ? 6   2NT A C2    1 
HETATM 112 O  O2    . 2NT A 1 6  ? 6.537   0.465   -1.547  1.00 19.17 ? 6   2NT A O2    1 
HETATM 113 N  N3    . 2NT A 1 6  ? 4.372   1.107   -1.753  1.00 18.21 ? 6   2NT A N3    1 
HETATM 114 C  C4    . 2NT A 1 6  ? 3.369   1.992   -2.054  1.00 18.71 ? 6   2NT A C4    1 
HETATM 115 O  O4    . 2NT A 1 6  ? 2.202   1.621   -2.031  1.00 17.09 ? 6   2NT A O4    1 
HETATM 116 C  C5    . 2NT A 1 6  ? 3.807   3.329   -2.394  1.00 19.14 ? 6   2NT A C5    1 
HETATM 117 C  C5M   . 2NT A 1 6  ? 2.773   4.358   -2.741  1.00 15.83 ? 6   2NT A C5M   1 
HETATM 118 C  "C2'" . 2NT A 1 6  ? 8.110   2.520   -3.579  1.00 21.38 ? 6   2NT A "C2'" 1 
HETATM 119 O  "O2'" . 2NT A 1 6  ? 9.516   2.291   -3.379  1.00 23.22 ? 6   2NT A "O2'" 1 
HETATM 120 C  "CB'" . 2NT A 1 6  ? 9.931   1.054   -2.824  1.00 25.01 ? 6   2NT A "CB'" 1 
HETATM 121 C  "CC'" . 2NT A 1 6  ? 11.444  1.121   -2.747  1.00 26.71 ? 6   2NT A "CC'" 1 
HETATM 122 O  "OD'" . 2NT A 1 6  ? 11.904  1.046   -4.092  1.00 33.92 ? 6   2NT A "OD'" 1 
HETATM 123 N  "NE'" . 2NT A 1 6  ? 13.237  0.869   -4.134  1.00 36.86 ? 6   2NT A "NE'" 1 
HETATM 124 C  "CF'" . 2NT A 1 6  ? 13.711  1.110   -5.300  1.00 35.59 ? 6   2NT A "CF'" 1 
HETATM 125 O  "OG'" . 2NT A 1 6  ? 13.056  0.362   -6.317  1.00 37.27 ? 6   2NT A "OG'" 1 
HETATM 126 C  "C3'" . 2NT A 1 6  ? 7.984   3.871   -4.268  1.00 20.82 ? 6   2NT A "C3'" 1 
HETATM 127 O  "O3'" . 2NT A 1 6  ? 8.782   4.007   -5.434  1.00 21.14 ? 6   2NT A "O3'" 1 
HETATM 128 O  OP1   . 2NT A 1 6  ? 6.446   8.514   -4.713  1.00 24.10 ? 6   2NT A OP1   1 
ATOM   129 P  P     . DA  A 1 7  ? 8.163   3.582   -6.849  1.00 21.80 ? 7   DA  A P     1 
ATOM   130 O  OP1   . DA  A 1 7  ? 9.167   3.961   -7.916  1.00 21.99 ? 7   DA  A OP1   1 
ATOM   131 O  OP2   . DA  A 1 7  ? 6.778   4.049   -6.951  1.00 21.14 ? 7   DA  A OP2   1 
ATOM   132 O  "O5'" . DA  A 1 7  ? 8.118   1.992   -6.767  1.00 19.79 ? 7   DA  A "O5'" 1 
ATOM   133 C  "C5'" . DA  A 1 7  ? 9.316   1.229   -6.751  1.00 20.16 ? 7   DA  A "C5'" 1 
ATOM   134 C  "C4'" . DA  A 1 7  ? 8.986   -0.240  -6.684  1.00 19.70 ? 7   DA  A "C4'" 1 
ATOM   135 O  "O4'" . DA  A 1 7  ? 8.375   -0.511  -5.405  1.00 23.48 ? 7   DA  A "O4'" 1 
ATOM   136 C  "C3'" . DA  A 1 7  ? 7.966   -0.714  -7.714  1.00 19.84 ? 7   DA  A "C3'" 1 
ATOM   137 O  "O3'" . DA  A 1 7  ? 8.581   -1.029  -8.957  1.00 19.36 ? 7   DA  A "O3'" 1 
ATOM   138 C  "C2'" . DA  A 1 7  ? 7.395   -1.951  -7.050  1.00 19.48 ? 7   DA  A "C2'" 1 
ATOM   139 C  "C1'" . DA  A 1 7  ? 7.392   -1.546  -5.571  1.00 20.08 ? 7   DA  A "C1'" 1 
ATOM   140 N  N9    . DA  A 1 7  ? 6.090   -0.991  -5.225  1.00 19.16 ? 7   DA  A N9    1 
ATOM   141 C  C8    . DA  A 1 7  ? 5.602   0.304   -5.268  1.00 19.51 ? 7   DA  A C8    1 
ATOM   142 N  N7    . DA  A 1 7  ? 4.333   0.395   -4.951  1.00 19.27 ? 7   DA  A N7    1 
ATOM   143 C  C5    . DA  A 1 7  ? 3.975   -0.922  -4.665  1.00 17.85 ? 7   DA  A C5    1 
ATOM   144 C  C6    . DA  A 1 7  ? 2.764   -1.514  -4.271  1.00 17.72 ? 7   DA  A C6    1 
ATOM   145 N  N6    . DA  A 1 7  ? 1.616   -0.835  -4.096  1.00 17.89 ? 7   DA  A N6    1 
ATOM   146 N  N1    . DA  A 1 7  ? 2.762   -2.851  -4.071  1.00 17.20 ? 7   DA  A N1    1 
ATOM   147 C  C2    . DA  A 1 7  ? 3.880   -3.540  -4.269  1.00 18.87 ? 7   DA  A C2    1 
ATOM   148 N  N3    . DA  A 1 7  ? 5.088   -3.096  -4.637  1.00 18.57 ? 7   DA  A N3    1 
ATOM   149 C  C4    . DA  A 1 7  ? 5.056   -1.768  -4.818  1.00 18.09 ? 7   DA  A C4    1 
ATOM   150 P  P     . DC  A 1 8  ? 7.691   -1.096  -10.295 1.00 20.76 ? 8   DC  A P     1 
ATOM   151 O  OP1   . DC  A 1 8  ? 8.682   -1.266  -11.416 1.00 21.34 ? 8   DC  A OP1   1 
ATOM   152 O  OP2   . DC  A 1 8  ? 6.779   0.053   -10.273 1.00 19.69 ? 8   DC  A OP2   1 
ATOM   153 O  "O5'" . DC  A 1 8  ? 6.847   -2.439  -10.176 1.00 19.14 ? 8   DC  A "O5'" 1 
ATOM   154 C  "C5'" . DC  A 1 8  ? 7.496   -3.705  -10.127 1.00 19.45 ? 8   DC  A "C5'" 1 
ATOM   155 C  "C4'" . DC  A 1 8  ? 6.493   -4.772  -9.750  1.00 16.04 ? 8   DC  A "C4'" 1 
ATOM   156 O  "O4'" . DC  A 1 8  ? 5.963   -4.469  -8.436  1.00 20.03 ? 8   DC  A "O4'" 1 
ATOM   157 C  "C3'" . DC  A 1 8  ? 5.251   -4.910  -10.624 1.00 16.45 ? 8   DC  A "C3'" 1 
ATOM   158 O  "O3'" . DC  A 1 8  ? 5.483   -5.670  -11.807 1.00 19.85 ? 8   DC  A "O3'" 1 
ATOM   159 C  "C2'" . DC  A 1 8  ? 4.302   -5.622  -9.674  1.00 18.22 ? 8   DC  A "C2'" 1 
ATOM   160 C  "C1'" . DC  A 1 8  ? 4.615   -4.961  -8.347  1.00 16.27 ? 8   DC  A "C1'" 1 
ATOM   161 N  N1    . DC  A 1 8  ? 3.702   -3.825  -8.057  1.00 17.92 ? 8   DC  A N1    1 
ATOM   162 C  C2    . DC  A 1 8  ? 2.463   -4.126  -7.520  1.00 16.51 ? 8   DC  A C2    1 
ATOM   163 O  O2    . DC  A 1 8  ? 2.212   -5.321  -7.271  1.00 18.91 ? 8   DC  A O2    1 
ATOM   164 N  N3    . DC  A 1 8  ? 1.560   -3.134  -7.283  1.00 17.52 ? 8   DC  A N3    1 
ATOM   165 C  C4    . DC  A 1 8  ? 1.865   -1.876  -7.571  1.00 17.10 ? 8   DC  A C4    1 
ATOM   166 N  N4    . DC  A 1 8  ? 0.910   -0.937  -7.369  1.00 17.07 ? 8   DC  A N4    1 
ATOM   167 C  C5    . DC  A 1 8  ? 3.155   -1.524  -8.106  1.00 18.04 ? 8   DC  A C5    1 
ATOM   168 C  C6    . DC  A 1 8  ? 4.034   -2.521  -8.330  1.00 17.53 ? 8   DC  A C6    1 
ATOM   169 P  P     . DG  A 1 9  ? 4.501   -5.502  -13.070 1.00 22.00 ? 9   DG  A P     1 
ATOM   170 O  OP1   . DG  A 1 9  ? 5.091   -6.281  -14.181 1.00 26.10 ? 9   DG  A OP1   1 
ATOM   171 O  OP2   . DG  A 1 9  ? 4.163   -4.066  -13.268 1.00 24.41 ? 9   DG  A OP2   1 
ATOM   172 O  "O5'" . DG  A 1 9  ? 3.141   -6.196  -12.632 1.00 18.90 ? 9   DG  A "O5'" 1 
ATOM   173 C  "C5'" . DG  A 1 9  ? 3.094   -7.597  -12.369 1.00 16.56 ? 9   DG  A "C5'" 1 
ATOM   174 C  "C4'" . DG  A 1 9  ? 1.689   -7.997  -11.972 1.00 14.98 ? 9   DG  A "C4'" 1 
ATOM   175 O  "O4'" . DG  A 1 9  ? 1.345   -7.414  -10.707 1.00 17.57 ? 9   DG  A "O4'" 1 
ATOM   176 C  "C3'" . DG  A 1 9  ? 0.591   -7.482  -12.893 1.00 17.98 ? 9   DG  A "C3'" 1 
ATOM   177 O  "O3'" . DG  A 1 9  ? 0.416   -8.275  -14.033 1.00 20.12 ? 9   DG  A "O3'" 1 
ATOM   178 C  "C2'" . DG  A 1 9  ? -0.634  -7.561  -12.002 1.00 17.69 ? 9   DG  A "C2'" 1 
ATOM   179 C  "C1'" . DG  A 1 9  ? -0.058  -7.120  -10.671 1.00 18.59 ? 9   DG  A "C1'" 1 
ATOM   180 N  N9    . DG  A 1 9  ? -0.222  -5.685  -10.453 1.00 17.85 ? 9   DG  A N9    1 
ATOM   181 C  C8    . DG  A 1 9  ? 0.708   -4.684  -10.622 1.00 17.72 ? 9   DG  A C8    1 
ATOM   182 N  N7    . DG  A 1 9  ? 0.239   -3.498  -10.349 1.00 18.44 ? 9   DG  A N7    1 
ATOM   183 C  C5    . DG  A 1 9  ? -1.077  -3.729  -9.965  1.00 18.45 ? 9   DG  A C5    1 
ATOM   184 C  C6    . DG  A 1 9  ? -2.119  -2.815  -9.545  1.00 17.38 ? 9   DG  A C6    1 
ATOM   185 O  O6    . DG  A 1 9  ? -2.062  -1.566  -9.393  1.00 17.86 ? 9   DG  A O6    1 
ATOM   186 N  N1    . DG  A 1 9  ? -3.312  -3.497  -9.294  1.00 18.66 ? 9   DG  A N1    1 
ATOM   187 C  C2    . DG  A 1 9  ? -3.485  -4.869  -9.417  1.00 20.02 ? 9   DG  A C2    1 
ATOM   188 N  N2    . DG  A 1 9  ? -4.694  -5.378  -9.132  1.00 19.59 ? 9   DG  A N2    1 
ATOM   189 N  N3    . DG  A 1 9  ? -2.528  -5.702  -9.790  1.00 19.26 ? 9   DG  A N3    1 
ATOM   190 C  C4    . DG  A 1 9  ? -1.370  -5.074  -10.037 1.00 17.60 ? 9   DG  A C4    1 
ATOM   191 P  P     . DC  A 1 10 ? -0.282  -7.623  -15.325 1.00 21.46 ? 10  DC  A P     1 
ATOM   192 O  OP1   . DC  A 1 10 ? -0.233  -8.698  -16.319 1.00 26.32 ? 10  DC  A OP1   1 
ATOM   193 O  OP2   . DC  A 1 10 ? 0.310   -6.301  -15.623 1.00 22.51 ? 10  DC  A OP2   1 
ATOM   194 O  "O5'" . DC  A 1 10 ? -1.776  -7.351  -14.857 1.00 18.63 ? 10  DC  A "O5'" 1 
ATOM   195 C  "C5'" . DC  A 1 10 ? -2.662  -8.435  -14.566 1.00 16.94 ? 10  DC  A "C5'" 1 
ATOM   196 C  "C4'" . DC  A 1 10 ? -4.063  -7.916  -14.337 1.00 15.85 ? 10  DC  A "C4'" 1 
ATOM   197 O  "O4'" . DC  A 1 10 ? -4.097  -7.174  -13.104 1.00 17.61 ? 10  DC  A "O4'" 1 
ATOM   198 C  "C3'" . DC  A 1 10 ? -4.639  -6.967  -15.384 1.00 16.57 ? 10  DC  A "C3'" 1 
ATOM   199 O  "O3'" . DC  A 1 10 ? -5.215  -7.680  -16.486 1.00 18.09 ? 10  DC  A "O3'" 1 
ATOM   200 C  "C2'" . DC  A 1 10 ? -5.703  -6.239  -14.592 1.00 16.94 ? 10  DC  A "C2'" 1 
ATOM   201 C  "C1'" . DC  A 1 10 ? -5.101  -6.149  -13.197 1.00 15.50 ? 10  DC  A "C1'" 1 
ATOM   202 N  N1    . DC  A 1 10 ? -4.449  -4.850  -12.961 1.00 18.11 ? 10  DC  A N1    1 
ATOM   203 C  C2    . DC  A 1 10 ? -5.241  -3.786  -12.534 1.00 18.49 ? 10  DC  A C2    1 
ATOM   204 O  O2    . DC  A 1 10 ? -6.460  -3.976  -12.348 1.00 18.41 ? 10  DC  A O2    1 
ATOM   205 N  N3    . DC  A 1 10 ? -4.676  -2.568  -12.353 1.00 18.97 ? 10  DC  A N3    1 
ATOM   206 C  C4    . DC  A 1 10 ? -3.376  -2.384  -12.634 1.00 16.44 ? 10  DC  A C4    1 
ATOM   207 N  N4    . DC  A 1 10 ? -2.895  -1.137  -12.559 1.00 17.43 ? 10  DC  A N4    1 
ATOM   208 C  C5    . DC  A 1 10 ? -2.531  -3.466  -13.037 1.00 17.69 ? 10  DC  A C5    1 
ATOM   209 C  C6    . DC  A 1 10 ? -3.105  -4.673  -13.182 1.00 16.09 ? 10  DC  A C6    1 
ATOM   210 O  "O5'" . DG  B 1 1  ? -8.392  5.047   -6.789  1.00 35.74 ? 11  DG  B "O5'" 1 
ATOM   211 C  "C5'" . DG  B 1 1  ? -9.816  5.247   -6.934  1.00 31.72 ? 11  DG  B "C5'" 1 
ATOM   212 C  "C4'" . DG  B 1 1  ? -10.485 4.027   -7.517  1.00 28.66 ? 11  DG  B "C4'" 1 
ATOM   213 O  "O4'" . DG  B 1 1  ? -10.170 3.913   -8.920  1.00 29.78 ? 11  DG  B "O4'" 1 
ATOM   214 C  "C3'" . DG  B 1 1  ? -10.006 2.728   -6.888  1.00 27.94 ? 11  DG  B "C3'" 1 
ATOM   215 O  "O3'" . DG  B 1 1  ? -10.769 2.433   -5.725  1.00 24.76 ? 11  DG  B "O3'" 1 
ATOM   216 C  "C2'" . DG  B 1 1  ? -10.199 1.712   -8.002  1.00 28.44 ? 11  DG  B "C2'" 1 
ATOM   217 C  "C1'" . DG  B 1 1  ? -9.917  2.545   -9.257  1.00 29.20 ? 11  DG  B "C1'" 1 
ATOM   218 N  N9    . DG  B 1 1  ? -8.533  2.454   -9.718  1.00 26.26 ? 11  DG  B N9    1 
ATOM   219 C  C8    . DG  B 1 1  ? -7.603  3.469   -9.773  1.00 26.76 ? 11  DG  B C8    1 
ATOM   220 N  N7    . DG  B 1 1  ? -6.461  3.092   -10.282 1.00 26.46 ? 11  DG  B N7    1 
ATOM   221 C  C5    . DG  B 1 1  ? -6.643  1.743   -10.572 1.00 24.65 ? 11  DG  B C5    1 
ATOM   222 C  C6    . DG  B 1 1  ? -5.753  0.791   -11.150 1.00 25.45 ? 11  DG  B C6    1 
ATOM   223 O  O6    . DG  B 1 1  ? -4.576  0.961   -11.544 1.00 23.30 ? 11  DG  B O6    1 
ATOM   224 N  N1    . DG  B 1 1  ? -6.348  -0.465  -11.250 1.00 22.44 ? 11  DG  B N1    1 
ATOM   225 C  C2    . DG  B 1 1  ? -7.624  -0.769  -10.848 1.00 24.49 ? 11  DG  B C2    1 
ATOM   226 N  N2    . DG  B 1 1  ? -8.015  -2.032  -11.019 1.00 21.76 ? 11  DG  B N2    1 
ATOM   227 N  N3    . DG  B 1 1  ? -8.460  0.105   -10.314 1.00 23.86 ? 11  DG  B N3    1 
ATOM   228 C  C4    . DG  B 1 1  ? -7.909  1.332   -10.212 1.00 25.73 ? 11  DG  B C4    1 
ATOM   229 P  P     . DC  B 1 2  ? -10.099 1.598   -4.536  1.00 26.13 ? 12  DC  B P     1 
ATOM   230 O  OP1   . DC  B 1 2  ? -11.046 1.466   -3.382  1.00 28.00 ? 12  DC  B OP1   1 
ATOM   231 O  OP2   . DC  B 1 2  ? -8.718  2.086   -4.308  1.00 26.84 ? 12  DC  B OP2   1 
ATOM   232 O  "O5'" . DC  B 1 2  ? -9.964  0.135   -5.156  1.00 25.03 ? 12  DC  B "O5'" 1 
ATOM   233 C  "C5'" . DC  B 1 2  ? -11.150 -0.647  -5.426  1.00 24.31 ? 12  DC  B "C5'" 1 
ATOM   234 C  "C4'" . DC  B 1 2  ? -10.769 -1.989  -6.003  1.00 21.24 ? 12  DC  B "C4'" 1 
ATOM   235 O  "O4'" . DC  B 1 2  ? -10.104 -1.789  -7.272  1.00 21.66 ? 12  DC  B "O4'" 1 
ATOM   236 C  "C3'" . DC  B 1 2  ? -9.764  -2.763  -5.170  1.00 21.65 ? 12  DC  B "C3'" 1 
ATOM   237 O  "O3'" . DC  B 1 2  ? -10.353 -3.473  -4.078  1.00 23.03 ? 12  DC  B "O3'" 1 
ATOM   238 C  "C2'" . DC  B 1 2  ? -9.109  -3.661  -6.204  1.00 17.54 ? 12  DC  B "C2'" 1 
ATOM   239 C  "C1'" . DC  B 1 2  ? -9.054  -2.750  -7.423  1.00 18.81 ? 12  DC  B "C1'" 1 
ATOM   240 N  N1    . DC  B 1 2  ? -7.779  -2.008  -7.558  1.00 19.19 ? 12  DC  B N1    1 
ATOM   241 C  C2    . DC  B 1 2  ? -6.688  -2.665  -8.146  1.00 19.42 ? 12  DC  B C2    1 
ATOM   242 O  O2    . DC  B 1 2  ? -6.829  -3.845  -8.491  1.00 19.93 ? 12  DC  B O2    1 
ATOM   243 N  N3    . DC  B 1 2  ? -5.526  -2.005  -8.310  1.00 20.10 ? 12  DC  B N3    1 
ATOM   244 C  C4    . DC  B 1 2  ? -5.416  -0.729  -7.912  1.00 18.90 ? 12  DC  B C4    1 
ATOM   245 N  N4    . DC  B 1 2  ? -4.259  -0.106  -8.137  1.00 15.95 ? 12  DC  B N4    1 
ATOM   246 C  C5    . DC  B 1 2  ? -6.501  -0.040  -7.274  1.00 18.57 ? 12  DC  B C5    1 
ATOM   247 C  C6    . DC  B 1 2  ? -7.654  -0.712  -7.127  1.00 19.87 ? 12  DC  B C6    1 
ATOM   248 P  P     . DG  B 1 3  ? -9.480  -3.671  -2.743  1.00 24.93 ? 13  DG  B P     1 
ATOM   249 O  OP1   . DG  B 1 3  ? -10.270 -4.392  -1.702  1.00 24.81 ? 13  DG  B OP1   1 
ATOM   250 O  OP2   . DG  B 1 3  ? -8.914  -2.325  -2.443  1.00 22.53 ? 13  DG  B OP2   1 
ATOM   251 O  "O5'" . DG  B 1 3  ? -8.289  -4.623  -3.183  1.00 23.33 ? 13  DG  B "O5'" 1 
ATOM   252 C  "C5'" . DG  B 1 3  ? -8.573  -5.957  -3.578  1.00 22.95 ? 13  DG  B "C5'" 1 
ATOM   253 C  "C4'" . DG  B 1 3  ? -7.334  -6.612  -4.128  1.00 21.77 ? 13  DG  B "C4'" 1 
ATOM   254 O  "O4'" . DG  B 1 3  ? -6.867  -5.903  -5.291  1.00 20.34 ? 13  DG  B "O4'" 1 
ATOM   255 C  "C3'" . DG  B 1 3  ? -6.132  -6.622  -3.217  1.00 17.38 ? 13  DG  B "C3'" 1 
ATOM   256 O  "O3'" . DG  B 1 3  ? -6.251  -7.610  -2.233  1.00 19.06 ? 13  DG  B "O3'" 1 
ATOM   257 C  "C2'" . DG  B 1 3  ? -5.014  -6.921  -4.198  1.00 19.74 ? 13  DG  B "C2'" 1 
ATOM   258 C  "C1'" . DG  B 1 3  ? -5.463  -6.141  -5.425  1.00 19.29 ? 13  DG  B "C1'" 1 
ATOM   259 N  N9    . DG  B 1 3  ? -4.775  -4.863  -5.493  1.00 20.59 ? 13  DG  B N9    1 
ATOM   260 C  C8    . DG  B 1 3  ? -5.250  -3.600  -5.214  1.00 19.22 ? 13  DG  B C8    1 
ATOM   261 N  N7    . DG  B 1 3  ? -4.341  -2.670  -5.367  1.00 20.48 ? 13  DG  B N7    1 
ATOM   262 C  C5    . DG  B 1 3  ? -3.205  -3.366  -5.774  1.00 18.94 ? 13  DG  B C5    1 
ATOM   263 C  C6    . DG  B 1 3  ? -1.899  -2.901  -6.096  1.00 17.09 ? 13  DG  B C6    1 
ATOM   264 O  O6    . DG  B 1 3  ? -1.474  -1.738  -6.093  1.00 18.08 ? 13  DG  B O6    1 
ATOM   265 N  N1    . DG  B 1 3  ? -1.059  -3.945  -6.457  1.00 16.20 ? 13  DG  B N1    1 
ATOM   266 C  C2    . DG  B 1 3  ? -1.427  -5.265  -6.512  1.00 16.87 ? 13  DG  B C2    1 
ATOM   267 N  N2    . DG  B 1 3  ? -0.467  -6.139  -6.874  1.00 16.88 ? 13  DG  B N2    1 
ATOM   268 N  N3    . DG  B 1 3  ? -2.645  -5.714  -6.222  1.00 18.01 ? 13  DG  B N3    1 
ATOM   269 C  C4    . DG  B 1 3  ? -3.467  -4.717  -5.860  1.00 20.08 ? 13  DG  B C4    1 
ATOM   270 P  P     . DT  B 1 4  ? -5.398  -7.482  -0.902  1.00 18.87 ? 14  DT  B P     1 
ATOM   271 O  OP1   . DT  B 1 4  ? -5.836  -8.643  -0.055  1.00 18.83 ? 14  DT  B OP1   1 
ATOM   272 O  OP2   . DT  B 1 4  ? -5.454  -6.113  -0.398  1.00 18.72 ? 14  DT  B OP2   1 
ATOM   273 O  "O5'" . DT  B 1 4  ? -3.887  -7.806  -1.345  1.00 17.46 ? 14  DT  B "O5'" 1 
ATOM   274 C  "C5'" . DT  B 1 4  ? -3.532  -9.100  -1.864  1.00 22.14 ? 14  DT  B "C5'" 1 
ATOM   275 C  "C4'" . DT  B 1 4  ? -2.066  -9.148  -2.232  1.00 19.84 ? 14  DT  B "C4'" 1 
ATOM   276 O  "O4'" . DT  B 1 4  ? -1.789  -8.361  -3.406  1.00 18.94 ? 14  DT  B "O4'" 1 
ATOM   277 C  "C3'" . DT  B 1 4  ? -1.116  -8.604  -1.184  1.00 20.21 ? 14  DT  B "C3'" 1 
ATOM   278 O  "O3'" . DT  B 1 4  ? -0.906  -9.556  -0.162  1.00 20.97 ? 14  DT  B "O3'" 1 
ATOM   279 C  "C2'" . DT  B 1 4  ? 0.131   -8.308  -1.999  1.00 15.61 ? 14  DT  B "C2'" 1 
ATOM   280 C  "C1'" . DT  B 1 4  ? -0.482  -7.774  -3.284  1.00 16.99 ? 14  DT  B "C1'" 1 
ATOM   281 N  N1    . DT  B 1 4  ? -0.622  -6.304  -3.153  1.00 15.44 ? 14  DT  B N1    1 
ATOM   282 C  C2    . DT  B 1 4  ? 0.518   -5.588  -3.487  1.00 15.48 ? 14  DT  B C2    1 
ATOM   283 O  O2    . DT  B 1 4  ? 1.550   -6.141  -3.818  1.00 16.07 ? 14  DT  B O2    1 
ATOM   284 N  N3    . DT  B 1 4  ? 0.411   -4.224  -3.380  1.00 18.24 ? 14  DT  B N3    1 
ATOM   285 C  C4    . DT  B 1 4  ? -0.696  -3.518  -2.952  1.00 18.96 ? 14  DT  B C4    1 
ATOM   286 O  O4    . DT  B 1 4  ? -0.658  -2.297  -2.890  1.00 18.69 ? 14  DT  B O4    1 
ATOM   287 C  C5    . DT  B 1 4  ? -1.860  -4.325  -2.591  1.00 16.17 ? 14  DT  B C5    1 
ATOM   288 C  C7    . DT  B 1 4  ? -3.088  -3.608  -2.117  1.00 16.58 ? 14  DT  B C7    1 
ATOM   289 C  C6    . DT  B 1 4  ? -1.773  -5.660  -2.713  1.00 17.22 ? 14  DT  B C6    1 
ATOM   290 P  P     . DA  B 1 5  ? -0.439  -9.078  1.284   1.00 23.13 ? 15  DA  B P     1 
ATOM   291 O  OP1   . DA  B 1 5  ? -0.340  -10.355 2.095   1.00 26.06 ? 15  DA  B OP1   1 
ATOM   292 O  OP2   . DA  B 1 5  ? -1.168  -7.904  1.816   1.00 19.81 ? 15  DA  B OP2   1 
ATOM   293 O  "O5'" . DA  B 1 5  ? 1.048   -8.546  1.074   1.00 22.44 ? 15  DA  B "O5'" 1 
ATOM   294 C  "C5'" . DA  B 1 5  ? 2.084   -9.422  0.649   1.00 23.07 ? 15  DA  B "C5'" 1 
ATOM   295 C  "C4'" . DA  B 1 5  ? 3.340   -8.638  0.362   1.00 21.49 ? 15  DA  B "C4'" 1 
ATOM   296 O  "O4'" . DA  B 1 5  ? 3.124   -7.757  -0.757  1.00 19.63 ? 15  DA  B "O4'" 1 
ATOM   297 C  "C3'" . DA  B 1 5  ? 3.823   -7.734  1.487   1.00 19.43 ? 15  DA  B "C3'" 1 
ATOM   298 O  "O3'" . DA  B 1 5  ? 4.562   -8.464  2.449   1.00 19.63 ? 15  DA  B "O3'" 1 
ATOM   299 C  "C2'" . DA  B 1 5  ? 4.690   -6.747  0.744   1.00 19.95 ? 15  DA  B "C2'" 1 
ATOM   300 C  "C1'" . DA  B 1 5  ? 3.920   -6.588  -0.569  1.00 18.56 ? 15  DA  B "C1'" 1 
ATOM   301 N  N9    . DA  B 1 5  ? 3.016   -5.451  -0.514  1.00 15.88 ? 15  DA  B N9    1 
ATOM   302 C  C8    . DA  B 1 5  ? 1.659   -5.412  -0.278  1.00 15.29 ? 15  DA  B C8    1 
ATOM   303 N  N7    . DA  B 1 5  ? 1.157   -4.195  -0.297  1.00 17.05 ? 15  DA  B N7    1 
ATOM   304 C  C5    . DA  B 1 5  ? 2.252   -3.382  -0.585  1.00 14.91 ? 15  DA  B C5    1 
ATOM   305 C  C6    . DA  B 1 5  ? 2.395   -1.986  -0.745  1.00 17.08 ? 15  DA  B C6    1 
ATOM   306 N  N6    . DA  B 1 5  ? 1.386   -1.112  -0.666  1.00 16.57 ? 15  DA  B N6    1 
ATOM   307 N  N1    . DA  B 1 5  ? 3.638   -1.512  -0.983  1.00 16.06 ? 15  DA  B N1    1 
ATOM   308 C  C2    . DA  B 1 5  ? 4.655   -2.374  -1.056  1.00 13.45 ? 15  DA  B C2    1 
ATOM   309 N  N3    . DA  B 1 5  ? 4.650   -3.698  -0.928  1.00 14.94 ? 15  DA  B N3    1 
ATOM   310 C  C4    . DA  B 1 5  ? 3.407   -4.142  -0.694  1.00 17.01 ? 15  DA  B C4    1 
HETATM 311 P  P     . 2NT B 1 6  ? 4.685   -7.910  3.941   1.00 18.99 ? 16  2NT B P     1 
HETATM 312 O  OP2   . 2NT B 1 6  ? 3.451   -7.218  4.397   1.00 19.48 ? 16  2NT B OP2   1 
HETATM 313 O  "O5'" . 2NT B 1 6  ? 5.831   -6.816  3.892   1.00 19.36 ? 16  2NT B "O5'" 1 
HETATM 314 C  "C5'" . 2NT B 1 6  ? 7.157   -7.132  3.487   1.00 19.75 ? 16  2NT B "C5'" 1 
HETATM 315 C  "C4'" . 2NT B 1 6  ? 7.957   -5.861  3.350   1.00 20.20 ? 16  2NT B "C4'" 1 
HETATM 316 O  "O4'" . 2NT B 1 6  ? 7.485   -5.091  2.199   1.00 16.72 ? 16  2NT B "O4'" 1 
HETATM 317 C  "C1'" . 2NT B 1 6  ? 7.613   -3.715  2.486   1.00 18.99 ? 16  2NT B "C1'" 1 
HETATM 318 N  N1    . 2NT B 1 6  ? 6.268   -3.105  2.470   1.00 17.64 ? 16  2NT B N1    1 
HETATM 319 C  C6    . 2NT B 1 6  ? 5.114   -3.823  2.723   1.00 19.36 ? 16  2NT B C6    1 
HETATM 320 C  C2    . 2NT B 1 6  ? 6.234   -1.768  2.184   1.00 19.30 ? 16  2NT B C2    1 
HETATM 321 O  O2    . 2NT B 1 6  ? 7.248   -1.111  1.969   1.00 19.20 ? 16  2NT B O2    1 
HETATM 322 N  N3    . 2NT B 1 6  ? 4.984   -1.218  2.164   1.00 17.67 ? 16  2NT B N3    1 
HETATM 323 C  C4    . 2NT B 1 6  ? 3.787   -1.856  2.406   1.00 17.71 ? 16  2NT B C4    1 
HETATM 324 O  O4    . 2NT B 1 6  ? 2.758   -1.224  2.353   1.00 18.74 ? 16  2NT B O4    1 
HETATM 325 C  C5    . 2NT B 1 6  ? 3.885   -3.277  2.704   1.00 19.12 ? 16  2NT B C5    1 
HETATM 326 C  C5M   . 2NT B 1 6  ? 2.627   -4.063  2.965   1.00 20.01 ? 16  2NT B C5M   1 
HETATM 327 C  "C2'" . 2NT B 1 6  ? 8.258   -3.567  3.863   1.00 19.97 ? 16  2NT B "C2'" 1 
HETATM 328 O  "O2'" . 2NT B 1 6  ? 9.669   -3.661  3.666   1.00 22.81 ? 16  2NT B "O2'" 1 
HETATM 329 C  "CB'" . 2NT B 1 6  ? 10.383  -2.491  3.239   1.00 25.65 ? 16  2NT B "CB'" 1 
HETATM 330 C  "CC'" . 2NT B 1 6  ? 11.886  -2.767  3.029   1.00 25.31 ? 16  2NT B "CC'" 1 
HETATM 331 O  "OD'" . 2NT B 1 6  ? 12.652  -2.800  4.239   1.00 30.49 ? 16  2NT B "OD'" 1 
HETATM 332 N  "NE'" . 2NT B 1 6  ? 12.346  -1.775  5.075   1.00 31.87 ? 16  2NT B "NE'" 1 
HETATM 333 C  "CF'" . 2NT B 1 6  ? 13.194  -1.529  5.983   1.00 35.00 ? 16  2NT B "CF'" 1 
HETATM 334 O  "OG'" . 2NT B 1 6  ? 14.111  -2.608  6.128   1.00 38.68 ? 16  2NT B "OG'" 1 
HETATM 335 C  "C3'" . 2NT B 1 6  ? 7.831   -4.873  4.509   1.00 20.29 ? 16  2NT B "C3'" 1 
HETATM 336 O  "O3'" . 2NT B 1 6  ? 8.625   -5.165  5.652   1.00 22.81 ? 16  2NT B "O3'" 1 
HETATM 337 O  OP1   . 2NT B 1 6  ? 5.207   -9.091  4.744   1.00 23.68 ? 16  2NT B OP1   1 
ATOM   338 P  P     . DA  B 1 7  ? 8.073   -4.804  7.116   1.00 23.67 ? 17  DA  B P     1 
ATOM   339 O  OP1   . DA  B 1 7  ? 8.977   -5.499  8.104   1.00 22.24 ? 17  DA  B OP1   1 
ATOM   340 O  OP2   . DA  B 1 7  ? 6.627   -4.989  7.238   1.00 24.35 ? 17  DA  B OP2   1 
ATOM   341 O  "O5'" . DA  B 1 7  ? 8.350   -3.231  7.215   1.00 21.28 ? 17  DA  B "O5'" 1 
ATOM   342 C  "C5'" . DA  B 1 7  ? 9.708   -2.730  7.166   1.00 21.20 ? 17  DA  B "C5'" 1 
ATOM   343 C  "C4'" . DA  B 1 7  ? 9.712   -1.218  7.141   1.00 21.08 ? 17  DA  B "C4'" 1 
ATOM   344 O  "O4'" . DA  B 1 7  ? 9.191   -0.733  5.881   1.00 21.50 ? 17  DA  B "O4'" 1 
ATOM   345 C  "C3'" . DA  B 1 7  ? 8.847   -0.537  8.187   1.00 24.16 ? 17  DA  B "C3'" 1 
ATOM   346 O  "O3'" . DA  B 1 7  ? 9.525   -0.445  9.422   1.00 23.32 ? 17  DA  B "O3'" 1 
ATOM   347 C  "C2'" . DA  B 1 7  ? 8.641   0.835   7.577   1.00 23.94 ? 17  DA  B "C2'" 1 
ATOM   348 C  "C1'" . DA  B 1 7  ? 8.542   0.519   6.092   1.00 23.27 ? 17  DA  B "C1'" 1 
ATOM   349 N  N9    . DA  B 1 7  ? 7.133   0.374   5.722   1.00 20.55 ? 17  DA  B N9    1 
ATOM   350 C  C8    . DA  B 1 7  ? 6.364   -0.761  5.663   1.00 20.67 ? 17  DA  B C8    1 
ATOM   351 N  N7    . DA  B 1 7  ? 5.121   -0.532  5.329   1.00 16.86 ? 17  DA  B N7    1 
ATOM   352 C  C5    . DA  B 1 7  ? 5.063   0.838   5.168   1.00 17.44 ? 17  DA  B C5    1 
ATOM   353 C  C6    . DA  B 1 7  ? 4.017   1.699   4.838   1.00 16.41 ? 17  DA  B C6    1 
ATOM   354 N  N6    . DA  B 1 7  ? 2.765   1.289   4.612   1.00 15.27 ? 17  DA  B N6    1 
ATOM   355 N  N1    . DA  B 1 7  ? 4.299   3.015   4.755   1.00 15.95 ? 17  DA  B N1    1 
ATOM   356 C  C2    . DA  B 1 7  ? 5.545   3.427   4.984   1.00 19.14 ? 17  DA  B C2    1 
ATOM   357 N  N3    . DA  B 1 7  ? 6.611   2.718   5.310   1.00 19.61 ? 17  DA  B N3    1 
ATOM   358 C  C4    . DA  B 1 7  ? 6.299   1.411   5.394   1.00 20.34 ? 17  DA  B C4    1 
ATOM   359 P  P     . DC  B 1 8  ? 8.685   -0.480  10.771  1.00 26.16 ? 18  DC  B P     1 
ATOM   360 O  OP1   . DC  B 1 8  ? 9.689   -0.450  11.848  1.00 26.64 ? 18  DC  B OP1   1 
ATOM   361 O  OP2   . DC  B 1 8  ? 7.637   -1.518  10.763  1.00 25.81 ? 18  DC  B OP2   1 
ATOM   362 O  "O5'" . DC  B 1 8  ? 7.930   0.927   10.778  1.00 23.97 ? 18  DC  B "O5'" 1 
ATOM   363 C  "C5'" . DC  B 1 8  ? 8.669   2.141   10.772  1.00 23.15 ? 18  DC  B "C5'" 1 
ATOM   364 C  "C4'" . DC  B 1 8  ? 7.732   3.302   10.544  1.00 25.08 ? 18  DC  B "C4'" 1 
ATOM   365 O  "O4'" . DC  B 1 8  ? 7.197   3.186   9.212   1.00 25.12 ? 18  DC  B "O4'" 1 
ATOM   366 C  "C3'" . DC  B 1 8  ? 6.494   3.406   11.435  1.00 24.04 ? 18  DC  B "C3'" 1 
ATOM   367 O  "O3'" . DC  B 1 8  ? 6.714   4.048   12.698  1.00 27.58 ? 18  DC  B "O3'" 1 
ATOM   368 C  "C2'" . DC  B 1 8  ? 5.579   4.268   10.585  1.00 23.59 ? 18  DC  B "C2'" 1 
ATOM   369 C  "C1'" . DC  B 1 8  ? 5.909   3.803   9.167   1.00 19.55 ? 18  DC  B "C1'" 1 
ATOM   370 N  N1    . DC  B 1 8  ? 4.917   2.810   8.722   1.00 20.72 ? 18  DC  B N1    1 
ATOM   371 C  C2    . DC  B 1 8  ? 3.757   3.285   8.109   1.00 21.61 ? 18  DC  B C2    1 
ATOM   372 O  O2    . DC  B 1 8  ? 3.634   4.515   7.936   1.00 18.82 ? 18  DC  B O2    1 
ATOM   373 N  N3    . DC  B 1 8  ? 2.790   2.412   7.738   1.00 19.70 ? 18  DC  B N3    1 
ATOM   374 C  C4    . DC  B 1 8  ? 2.934   1.111   7.981   1.00 18.29 ? 18  DC  B C4    1 
ATOM   375 N  N4    . DC  B 1 8  ? 1.922   0.312   7.650   1.00 19.30 ? 18  DC  B N4    1 
ATOM   376 C  C5    . DC  B 1 8  ? 4.115   0.588   8.591   1.00 19.00 ? 18  DC  B C5    1 
ATOM   377 C  C6    . DC  B 1 8  ? 5.081   1.465   8.933   1.00 21.17 ? 18  DC  B C6    1 
ATOM   378 P  P     . DG  B 1 9  ? 5.605   3.905   13.850  1.00 29.43 ? 19  DG  B P     1 
ATOM   379 O  OP1   . DG  B 1 9  ? 6.140   4.514   15.094  1.00 33.07 ? 19  DG  B OP1   1 
ATOM   380 O  OP2   . DG  B 1 9  ? 5.004   2.563   13.878  1.00 31.65 ? 19  DG  B OP2   1 
ATOM   381 O  "O5'" . DG  B 1 9  ? 4.358   4.781   13.375  1.00 27.07 ? 19  DG  B "O5'" 1 
ATOM   382 C  "C5'" . DG  B 1 9  ? 4.434   6.179   13.384  1.00 23.92 ? 19  DG  B "C5'" 1 
ATOM   383 C  "C4'" . DG  B 1 9  ? 3.230   6.762   12.685  1.00 20.33 ? 19  DG  B "C4'" 1 
ATOM   384 O  "O4'" . DG  B 1 9  ? 3.012   6.092   11.419  1.00 21.25 ? 19  DG  B "O4'" 1 
ATOM   385 C  "C3'" . DG  B 1 9  ? 1.894   6.635   13.408  1.00 19.31 ? 19  DG  B "C3'" 1 
ATOM   386 O  "O3'" . DG  B 1 9  ? 1.742   7.683   14.367  1.00 21.79 ? 19  DG  B "O3'" 1 
ATOM   387 C  "C2'" . DG  B 1 9  ? 0.906   6.811   12.263  1.00 17.31 ? 19  DG  B "C2'" 1 
ATOM   388 C  "C1'" . DG  B 1 9  ? 1.624   6.132   11.108  1.00 19.40 ? 19  DG  B "C1'" 1 
ATOM   389 N  N9    . DG  B 1 9  ? 1.151   4.769   10.875  1.00 17.15 ? 19  DG  B N9    1 
ATOM   390 C  C8    . DG  B 1 9  ? 1.822   3.589   11.051  1.00 18.33 ? 19  DG  B C8    1 
ATOM   391 N  N7    . DG  B 1 9  ? 1.121   2.541   10.686  1.00 19.29 ? 19  DG  B N7    1 
ATOM   392 C  C5    . DG  B 1 9  ? -0.085  3.070   10.254  1.00 17.21 ? 19  DG  B C5    1 
ATOM   393 C  C6    . DG  B 1 9  ? -1.235  2.432   9.736   1.00 16.94 ? 19  DG  B C6    1 
ATOM   394 O  O6    . DG  B 1 9  ? -1.420  1.218   9.498   1.00 17.86 ? 19  DG  B O6    1 
ATOM   395 N  N1    . DG  B 1 9  ? -2.249  3.347   9.468   1.00 17.80 ? 19  DG  B N1    1 
ATOM   396 C  C2    . DG  B 1 9  ? -2.160  4.708   9.666   1.00 17.05 ? 19  DG  B C2    1 
ATOM   397 N  N2    . DG  B 1 9  ? -3.257  5.423   9.386   1.00 18.11 ? 19  DG  B N2    1 
ATOM   398 N  N3    . DG  B 1 9  ? -1.083  5.313   10.120  1.00 15.85 ? 19  DG  B N3    1 
ATOM   399 C  C4    . DG  B 1 9  ? -0.090  4.442   10.395  1.00 16.40 ? 19  DG  B C4    1 
ATOM   400 P  P     . DC  B 1 10 ? 0.755   7.498   15.626  1.00 21.56 ? 20  DC  B P     1 
ATOM   401 O  OP1   . DC  B 1 10 ? 1.006   8.694   16.474  1.00 25.65 ? 20  DC  B OP1   1 
ATOM   402 O  OP2   . DC  B 1 10 ? 0.923   6.141   16.208  1.00 24.54 ? 20  DC  B OP2   1 
ATOM   403 O  "O5'" . DC  B 1 10 ? -0.721  7.570   15.052  1.00 20.29 ? 20  DC  B "O5'" 1 
ATOM   404 C  "C5'" . DC  B 1 10 ? -1.261  8.786   14.487  1.00 16.20 ? 20  DC  B "C5'" 1 
ATOM   405 C  "C4'" . DC  B 1 10 ? -2.688  8.558   14.038  1.00 17.39 ? 20  DC  B "C4'" 1 
ATOM   406 O  "O4'" . DC  B 1 10 ? -2.667  7.564   12.991  1.00 16.79 ? 20  DC  B "O4'" 1 
ATOM   407 C  "C3'" . DC  B 1 10 ? -3.627  7.992   15.095  1.00 17.01 ? 20  DC  B "C3'" 1 
ATOM   408 O  "O3'" . DC  B 1 10 ? -4.307  9.006   15.847  1.00 22.59 ? 20  DC  B "O3'" 1 
ATOM   409 C  "C2'" . DC  B 1 10 ? -4.631  7.216   14.264  1.00 17.91 ? 20  DC  B "C2'" 1 
ATOM   410 C  "C1'" . DC  B 1 10 ? -3.842  6.777   13.040  1.00 17.80 ? 20  DC  B "C1'" 1 
ATOM   411 N  N1    . DC  B 1 10 ? -3.431  5.363   13.018  1.00 16.22 ? 20  DC  B N1    1 
ATOM   412 C  C2    . DC  B 1 10 ? -4.331  4.429   12.510  1.00 17.23 ? 20  DC  B C2    1 
ATOM   413 O  O2    . DC  B 1 10 ? -5.456  4.813   12.163  1.00 16.85 ? 20  DC  B O2    1 
ATOM   414 N  N3    . DC  B 1 10 ? -3.949  3.124   12.405  1.00 17.25 ? 20  DC  B N3    1 
ATOM   415 C  C4    . DC  B 1 10 ? -2.722  2.755   12.779  1.00 17.12 ? 20  DC  B C4    1 
ATOM   416 N  N4    . DC  B 1 10 ? -2.374  1.465   12.580  1.00 18.95 ? 20  DC  B N4    1 
ATOM   417 C  C5    . DC  B 1 10 ? -1.791  3.677   13.349  1.00 17.93 ? 20  DC  B C5    1 
ATOM   418 C  C6    . DC  B 1 10 ? -2.185  4.969   13.452  1.00 16.96 ? 20  DC  B C6    1 
HETATM 419 BA BA    . BA  C 2 .  ? -1.547  -0.591  4.741   0.60 23.86 ? 100 BA  A BA    1 
HETATM 420 O  O     . HOH D 3 .  ? -3.564  0.560   4.275   1.00 26.81 ? 102 HOH A O     1 
HETATM 421 O  O     . HOH D 3 .  ? -0.978  -1.417  7.060   1.00 32.26 ? 103 HOH A O     1 
HETATM 422 O  O     A HOH D 3 .  ? -0.762  1.422   2.734   0.70 20.61 ? 104 HOH A O     1 
HETATM 423 O  O     B HOH D 3 .  ? -0.409  0.888   0.944   0.30 17.51 ? 104 HOH A O     1 
HETATM 424 O  O     A HOH D 3 .  ? -2.688  -1.271  2.264   0.50 22.82 ? 106 HOH A O     1 
HETATM 425 O  O     B HOH D 3 .  ? -3.109  0.531   2.012   0.50 32.85 ? 106 HOH A O     1 
HETATM 426 O  O     . HOH D 3 .  ? -3.161  -8.478  -18.175 1.00 16.94 ? 108 HOH A O     1 
HETATM 427 O  O     . HOH D 3 .  ? 8.354   4.912   1.611   1.00 20.16 ? 110 HOH A O     1 
HETATM 428 O  O     . HOH D 3 .  ? -7.213  6.547   9.039   1.00 18.49 ? 111 HOH A O     1 
HETATM 429 O  O     . HOH D 3 .  ? 3.023   2.591   -5.846  1.00 24.63 ? 112 HOH A O     1 
HETATM 430 O  O     . HOH D 3 .  ? -0.203  7.799   0.079   1.00 20.77 ? 114 HOH A O     1 
HETATM 431 O  O     . HOH D 3 .  ? 3.102   -0.193  -15.633 1.00 27.93 ? 115 HOH A O     1 
HETATM 432 O  O     . HOH D 3 .  ? 8.151   -1.712  -2.125  1.00 24.77 ? 118 HOH A O     1 
HETATM 433 O  O     . HOH D 3 .  ? -0.117  3.683   -0.516  1.00 27.43 ? 120 HOH A O     1 
HETATM 434 O  O     . HOH D 3 .  ? -6.468  0.383   3.031   1.00 25.53 ? 122 HOH A O     1 
HETATM 435 O  O     . HOH D 3 .  ? 4.350   4.849   -5.960  1.00 27.09 ? 123 HOH A O     1 
HETATM 436 O  O     . HOH D 3 .  ? 1.257   -3.784  -14.365 1.00 31.68 ? 124 HOH A O     1 
HETATM 437 O  O     . HOH D 3 .  ? -0.754  2.251   -2.441  1.00 26.52 ? 125 HOH A O     1 
HETATM 438 O  O     . HOH D 3 .  ? -3.905  -8.044  -10.004 1.00 25.32 ? 127 HOH A O     1 
HETATM 439 O  O     . HOH D 3 .  ? -3.779  -10.553 -11.617 1.00 30.84 ? 128 HOH A O     1 
HETATM 440 O  O     . HOH D 3 .  ? 1.474   -1.140  -11.097 1.00 28.57 ? 129 HOH A O     1 
HETATM 441 O  O     . HOH D 3 .  ? -4.162  6.301   0.247   1.00 33.53 ? 130 HOH A O     1 
HETATM 442 O  O     . HOH D 3 .  ? -12.036 6.291   1.379   1.00 33.32 ? 135 HOH A O     1 
HETATM 443 O  O     A HOH D 3 .  ? -0.117  -0.673  -13.250 0.60 19.47 ? 136 HOH A O     1 
HETATM 444 O  O     B HOH D 3 .  ? 1.510   0.596   -13.119 0.40 20.26 ? 136 HOH A O     1 
HETATM 445 O  O     . HOH D 3 .  ? -6.185  3.118   3.212   1.00 25.14 ? 137 HOH A O     1 
HETATM 446 O  O     . HOH D 3 .  ? 4.007   -0.437  -11.517 1.00 34.46 ? 138 HOH A O     1 
HETATM 447 O  O     . HOH D 3 .  ? -9.620  9.415   3.271   1.00 26.69 ? 145 HOH A O     1 
HETATM 448 O  O     . HOH D 3 .  ? -9.643  2.947   0.757   1.00 36.96 ? 146 HOH A O     1 
HETATM 449 O  O     . HOH D 3 .  ? 4.130   12.856  -2.136  1.00 34.30 ? 148 HOH A O     1 
HETATM 450 O  O     A HOH D 3 .  ? 2.762   -5.639  -17.011 0.50 32.96 ? 149 HOH A O     1 
HETATM 451 O  O     B HOH D 3 .  ? 4.222   -4.337  -16.954 0.50 28.09 ? 149 HOH A O     1 
HETATM 452 O  O     . HOH D 3 .  ? -0.646  0.748   -9.706  1.00 40.97 ? 154 HOH A O     1 
HETATM 453 O  O     . HOH D 3 .  ? -5.766  -10.663 -16.657 1.00 28.47 ? 156 HOH A O     1 
HETATM 454 O  O     . HOH D 3 .  ? -6.780  -2.395  4.690   1.00 37.99 ? 158 HOH A O     1 
HETATM 455 O  O     . HOH D 3 .  ? -13.169 -2.088  3.308   1.00 39.03 ? 162 HOH A O     1 
HETATM 456 O  O     A HOH D 3 .  ? -4.360  4.269   1.250   0.50 22.80 ? 163 HOH A O     1 
HETATM 457 O  O     B HOH D 3 .  ? -3.512  2.834   1.811   0.50 21.30 ? 163 HOH A O     1 
HETATM 458 O  O     A HOH D 3 .  ? 5.357   -8.238  -16.438 0.50 30.91 ? 167 HOH A O     1 
HETATM 459 O  O     B HOH D 3 .  ? 5.907   -8.994  -15.919 0.50 35.01 ? 167 HOH A O     1 
HETATM 460 O  O     . HOH D 3 .  ? 1.812   1.826   -8.207  1.00 34.14 ? 171 HOH A O     1 
HETATM 461 O  O     . HOH D 3 .  ? 4.180   4.486   -10.404 1.00 42.08 ? 172 HOH A O     1 
HETATM 462 O  O     . HOH D 3 .  ? -11.590 1.650   1.374   1.00 45.02 ? 173 HOH A O     1 
HETATM 463 O  O     . HOH D 3 .  ? 10.027  7.250   -7.942  0.50 30.45 ? 174 HOH A O     1 
HETATM 464 O  O     . HOH D 3 .  ? -5.628  2.820   -1.221  1.00 44.69 ? 175 HOH A O     1 
HETATM 465 O  O     . HOH D 3 .  ? 6.853   11.398  -4.862  1.00 36.53 ? 176 HOH A O     1 
HETATM 466 O  O     . HOH D 3 .  ? 2.900   -9.575  -16.098 1.00 29.23 ? 177 HOH A O     1 
HETATM 467 O  O     . HOH D 3 .  ? -4.688  -3.182  2.902   0.50 24.61 ? 178 HOH A O     1 
HETATM 468 O  O     . HOH D 3 .  ? -4.075  -2.277  5.991   1.00 33.75 ? 180 HOH A O     1 
HETATM 469 O  O     . HOH D 3 .  ? 2.402   5.507   -8.090  1.00 46.59 ? 181 HOH A O     1 
HETATM 470 O  O     . HOH D 3 .  ? -2.016  12.205  -0.062  1.00 39.31 ? 182 HOH A O     1 
HETATM 471 O  O     . HOH D 3 .  ? 0.274   10.270  -3.060  1.00 39.24 ? 183 HOH A O     1 
HETATM 472 O  O     . HOH D 3 .  ? 0.304   2.264   -4.905  1.00 35.05 ? 187 HOH A O     1 
HETATM 473 O  O     . HOH D 3 .  ? -0.129  6.484   -1.999  1.00 39.43 ? 188 HOH A O     1 
HETATM 474 O  O     . HOH D 3 .  ? -9.604  -2.530  1.309   0.50 37.85 ? 190 HOH A O     1 
HETATM 475 O  O     . HOH D 3 .  ? 7.244   8.416   -7.305  1.00 45.46 ? 192 HOH A O     1 
HETATM 476 O  O     . HOH D 3 .  ? -0.016  8.331   -5.706  1.00 46.78 ? 193 HOH A O     1 
HETATM 477 O  O     . HOH D 3 .  ? 5.365   0.297   -15.776 1.00 44.69 ? 198 HOH A O     1 
HETATM 478 O  O     . HOH D 3 .  ? -3.405  3.363   -2.979  1.00 48.03 ? 200 HOH A O     1 
HETATM 479 O  O     . HOH D 3 .  ? 1.593   8.082   -3.445  1.00 38.15 ? 201 HOH A O     1 
HETATM 480 O  O     . HOH D 3 .  ? -13.966 -2.279  5.958   1.00 41.71 ? 202 HOH A O     1 
HETATM 481 O  O     . HOH D 3 .  ? 12.388  -0.883  -8.787  0.50 39.20 ? 203 HOH A O     1 
HETATM 482 O  O     . HOH D 3 .  ? -3.709  -3.530  9.648   1.00 40.45 ? 208 HOH A O     1 
HETATM 483 O  O     . HOH D 3 .  ? -3.543  13.025  3.137   1.00 40.12 ? 209 HOH A O     1 
HETATM 484 O  O     . HOH D 3 .  ? 2.759   -2.175  -13.789 0.50 36.73 ? 210 HOH A O     1 
HETATM 485 O  O     A HOH D 3 .  ? 1.919   1.699   -14.966 0.50 30.45 ? 211 HOH A O     1 
HETATM 486 O  O     . HOH D 3 .  ? 0.184   -1.059  -15.636 0.50 39.59 ? 212 HOH A O     1 
HETATM 487 O  O     B HOH D 3 .  ? 3.975   -7.625  -16.914 0.50 31.84 ? 213 HOH A O     1 
HETATM 488 O  O     . HOH E 3 .  ? 0.850   -1.182  4.270   1.00 28.52 ? 101 HOH B O     1 
HETATM 489 O  O     . HOH E 3 .  ? -1.191  -3.111  4.148   1.00 32.27 ? 105 HOH B O     1 
HETATM 490 O  O     . HOH E 3 .  ? 3.689   -7.772  -4.022  1.00 16.95 ? 107 HOH B O     1 
HETATM 491 O  O     . HOH E 3 .  ? -2.293  -0.051  -2.283  1.00 26.38 ? 109 HOH B O     1 
HETATM 492 O  O     . HOH E 3 .  ? 1.645   -0.185  11.395  1.00 26.15 ? 113 HOH B O     1 
HETATM 493 O  O     . HOH E 3 .  ? 3.888   -5.067  6.210   1.00 24.32 ? 116 HOH B O     1 
HETATM 494 O  O     . HOH E 3 .  ? -1.186  -3.603  1.150   1.00 28.05 ? 117 HOH B O     1 
HETATM 495 O  O     . HOH E 3 .  ? 3.130   -2.595  6.208   1.00 25.24 ? 119 HOH B O     1 
HETATM 496 O  O     . HOH E 3 .  ? 8.971   3.801   4.111   1.00 30.18 ? 121 HOH B O     1 
HETATM 497 O  O     . HOH E 3 .  ? -7.206  -0.152  -3.187  1.00 30.76 ? 126 HOH B O     1 
HETATM 498 O  O     . HOH E 3 .  ? -4.509  -0.183  -4.039  1.00 26.63 ? 131 HOH B O     1 
HETATM 499 O  O     . HOH E 3 .  ? -6.541  -3.466  0.028   1.00 41.16 ? 132 HOH B O     1 
HETATM 500 O  O     . HOH E 3 .  ? -2.826  -5.522  1.086   1.00 29.78 ? 133 HOH B O     1 
HETATM 501 O  O     . HOH E 3 .  ? 11.359  -5.856  4.757   1.00 26.05 ? 134 HOH B O     1 
HETATM 502 O  O     . HOH E 3 .  ? 7.279   -4.176  -1.581  1.00 29.70 ? 139 HOH B O     1 
HETATM 503 O  O     . HOH E 3 .  ? -1.564  1.019   -6.505  1.00 27.02 ? 140 HOH B O     1 
HETATM 504 O  O     . HOH E 3 .  ? 4.553   8.805   16.406  1.00 40.42 ? 141 HOH B O     1 
HETATM 505 O  O     . HOH E 3 .  ? 6.118   10.387  16.087  1.00 41.01 ? 142 HOH B O     1 
HETATM 506 O  O     . HOH E 3 .  ? 9.489   1.058   2.044   1.00 45.92 ? 143 HOH B O     1 
HETATM 507 O  O     . HOH E 3 .  ? -0.835  -10.927 6.925   1.00 28.50 ? 144 HOH B O     1 
HETATM 508 O  O     . HOH E 3 .  ? 9.940   2.974   0.576   1.00 34.51 ? 147 HOH B O     1 
HETATM 509 O  O     . HOH E 3 .  ? 11.605  0.696   3.779   1.00 32.91 ? 150 HOH B O     1 
HETATM 510 O  O     . HOH E 3 .  ? 5.419   -2.836  9.010   1.00 39.56 ? 151 HOH B O     1 
HETATM 511 O  O     . HOH E 3 .  ? 0.124   0.332   14.162  1.00 34.78 ? 152 HOH B O     1 
HETATM 512 O  O     A HOH E 3 .  ? 2.511   6.156   18.772  0.60 18.40 ? 153 HOH B O     1 
HETATM 513 O  O     B HOH E 3 .  ? -0.483  -11.055 -15.614 0.40 19.75 ? 153 HOH B O     1 
HETATM 514 O  O     . HOH E 3 .  ? 1.259   3.333   14.930  1.00 36.19 ? 155 HOH B O     1 
HETATM 515 O  O     . HOH E 3 .  ? -5.170  -9.089  2.557   1.00 30.74 ? 157 HOH B O     1 
HETATM 516 O  O     . HOH E 3 .  ? -14.135 -1.871  -3.729  1.00 35.65 ? 159 HOH B O     1 
HETATM 517 O  O     . HOH E 3 .  ? -12.890 -4.040  -1.948  1.00 35.06 ? 160 HOH B O     1 
HETATM 518 O  O     . HOH E 3 .  ? -2.514  10.374  17.407  1.00 34.79 ? 161 HOH B O     1 
HETATM 519 O  O     . HOH E 3 .  ? -12.518 -6.156  1.287   1.00 46.27 ? 164 HOH B O     1 
HETATM 520 O  O     A HOH E 3 .  ? -6.977  -11.207 -1.585  0.50 17.32 ? 165 HOH B O     1 
HETATM 521 O  O     B HOH E 3 .  ? -7.958  -10.154 -0.792  0.50 15.92 ? 165 HOH B O     1 
HETATM 522 O  O     . HOH E 3 .  ? -5.108  10.844  14.197  1.00 43.93 ? 166 HOH B O     1 
HETATM 523 O  O     . HOH E 3 .  ? 8.947   -8.886  7.573   1.00 45.02 ? 168 HOH B O     1 
HETATM 524 O  O     . HOH E 3 .  ? 0.330   8.998   19.165  1.00 35.23 ? 169 HOH B O     1 
HETATM 525 O  O     . HOH E 3 .  ? -3.071  -8.323  -6.753  1.00 31.43 ? 170 HOH B O     1 
HETATM 526 O  O     . HOH E 3 .  ? 4.324   4.830   17.427  1.00 38.62 ? 179 HOH B O     1 
HETATM 527 O  O     . HOH E 3 .  ? 4.532   -1.141  12.370  1.00 44.31 ? 184 HOH B O     1 
HETATM 528 O  O     . HOH E 3 .  ? 1.894   -12.058 3.413   0.50 35.76 ? 185 HOH B O     1 
HETATM 529 O  O     A HOH E 3 .  ? -3.265  0.205   0.133   0.50 25.21 ? 186 HOH B O     1 
HETATM 530 O  O     B HOH E 3 .  ? -2.502  1.836   0.055   0.50 27.43 ? 186 HOH B O     1 
HETATM 531 O  O     . HOH E 3 .  ? -10.401 -7.020  0.796   0.50 38.35 ? 189 HOH B O     1 
HETATM 532 O  O     A HOH E 3 .  ? -9.653  -0.586  -0.377  0.50 29.65 ? 191 HOH B O     1 
HETATM 533 O  O     B HOH E 3 .  ? -10.744 -0.197  -1.449  0.50 22.26 ? 191 HOH B O     1 
HETATM 534 O  O     . HOH E 3 .  ? -9.321  -10.825 1.290   1.00 41.03 ? 194 HOH B O     1 
HETATM 535 O  O     A HOH E 3 .  ? -6.043  0.189   0.243   0.50 33.50 ? 195 HOH B O     1 
HETATM 536 O  O     B HOH E 3 .  ? -5.376  -1.087  0.611   0.50 29.61 ? 195 HOH B O     1 
HETATM 537 O  O     . HOH E 3 .  ? 7.247   10.633  13.692  1.00 42.14 ? 196 HOH B O     1 
HETATM 538 O  O     . HOH E 3 .  ? -2.831  -11.080 5.180   0.50 30.62 ? 197 HOH B O     1 
HETATM 539 O  O     . HOH E 3 .  ? 1.223   -7.429  5.251   1.00 45.67 ? 199 HOH B O     1 
HETATM 540 O  O     . HOH E 3 .  ? -3.963  1.876   -5.212  1.00 40.16 ? 204 HOH B O     1 
HETATM 541 O  O     . HOH E 3 .  ? -11.584 -6.434  -1.977  1.00 49.99 ? 205 HOH B O     1 
HETATM 542 O  O     . HOH E 3 .  ? 2.094   -2.251  9.027   1.00 36.74 ? 206 HOH B O     1 
HETATM 543 O  O     . HOH E 3 .  ? 8.160   -3.915  11.896  0.50 36.30 ? 207 HOH B O     1 
# 
loop_
_pdbx_poly_seq_scheme.asym_id 
_pdbx_poly_seq_scheme.entity_id 
_pdbx_poly_seq_scheme.seq_id 
_pdbx_poly_seq_scheme.mon_id 
_pdbx_poly_seq_scheme.ndb_seq_num 
_pdbx_poly_seq_scheme.pdb_seq_num 
_pdbx_poly_seq_scheme.auth_seq_num 
_pdbx_poly_seq_scheme.pdb_mon_id 
_pdbx_poly_seq_scheme.auth_mon_id 
_pdbx_poly_seq_scheme.pdb_strand_id 
_pdbx_poly_seq_scheme.pdb_ins_code 
_pdbx_poly_seq_scheme.hetero 
A 1 1  DG  1  1  1  DG  G   A . n 
A 1 2  DC  2  2  2  DC  C   A . n 
A 1 3  DG  3  3  3  DG  G   A . n 
A 1 4  DT  4  4  4  DT  T   A . n 
A 1 5  DA  5  5  5  DA  A   A . n 
A 1 6  2NT 6  6  6  2NT MAE A . n 
A 1 7  DA  7  7  7  DA  A   A . n 
A 1 8  DC  8  8  8  DC  C   A . n 
A 1 9  DG  9  9  9  DG  G   A . n 
A 1 10 DC  10 10 10 DC  C   A . n 
B 1 1  DG  1  11 11 DG  G   B . n 
B 1 2  DC  2  12 12 DC  C   B . n 
B 1 3  DG  3  13 13 DG  G   B . n 
B 1 4  DT  4  14 14 DT  T   B . n 
B 1 5  DA  5  15 15 DA  A   B . n 
B 1 6  2NT 6  16 16 2NT MAE B . n 
B 1 7  DA  7  17 17 DA  A   B . n 
B 1 8  DC  8  18 18 DC  C   B . n 
B 1 9  DG  9  19 19 DG  G   B . n 
B 1 10 DC  10 20 20 DC  C   B . n 
# 
loop_
_pdbx_nonpoly_scheme.asym_id 
_pdbx_nonpoly_scheme.entity_id 
_pdbx_nonpoly_scheme.mon_id 
_pdbx_nonpoly_scheme.ndb_seq_num 
_pdbx_nonpoly_scheme.pdb_seq_num 
_pdbx_nonpoly_scheme.auth_seq_num 
_pdbx_nonpoly_scheme.pdb_mon_id 
_pdbx_nonpoly_scheme.auth_mon_id 
_pdbx_nonpoly_scheme.pdb_strand_id 
_pdbx_nonpoly_scheme.pdb_ins_code 
C 2 BA  1  100 100 BA  BA  A . 
D 3 HOH 1  102 102 HOH HOH A . 
D 3 HOH 2  103 103 HOH HOH A . 
D 3 HOH 3  104 104 HOH HOH A . 
D 3 HOH 4  106 106 HOH HOH A . 
D 3 HOH 5  108 108 HOH HOH A . 
D 3 HOH 6  110 110 HOH HOH A . 
D 3 HOH 7  111 111 HOH HOH A . 
D 3 HOH 8  112 112 HOH HOH A . 
D 3 HOH 9  114 114 HOH HOH A . 
D 3 HOH 10 115 115 HOH HOH A . 
D 3 HOH 11 118 118 HOH HOH A . 
D 3 HOH 12 120 120 HOH HOH A . 
D 3 HOH 13 122 122 HOH HOH A . 
D 3 HOH 14 123 123 HOH HOH A . 
D 3 HOH 15 124 124 HOH HOH A . 
D 3 HOH 16 125 125 HOH HOH A . 
D 3 HOH 17 127 127 HOH HOH A . 
D 3 HOH 18 128 128 HOH HOH A . 
D 3 HOH 19 129 129 HOH HOH A . 
D 3 HOH 20 130 130 HOH HOH A . 
D 3 HOH 21 135 135 HOH HOH A . 
D 3 HOH 22 136 136 HOH HOH A . 
D 3 HOH 23 137 137 HOH HOH A . 
D 3 HOH 24 138 138 HOH HOH A . 
D 3 HOH 25 145 145 HOH HOH A . 
D 3 HOH 26 146 146 HOH HOH A . 
D 3 HOH 27 148 148 HOH HOH A . 
D 3 HOH 28 149 149 HOH HOH A . 
D 3 HOH 29 154 154 HOH HOH A . 
D 3 HOH 30 156 156 HOH HOH A . 
D 3 HOH 31 158 158 HOH HOH A . 
D 3 HOH 32 162 162 HOH HOH A . 
D 3 HOH 33 163 163 HOH HOH A . 
D 3 HOH 34 167 167 HOH HOH A . 
D 3 HOH 35 171 171 HOH HOH A . 
D 3 HOH 36 172 172 HOH HOH A . 
D 3 HOH 37 173 173 HOH HOH A . 
D 3 HOH 38 174 174 HOH HOH A . 
D 3 HOH 39 175 175 HOH HOH A . 
D 3 HOH 40 176 176 HOH HOH A . 
D 3 HOH 41 177 177 HOH HOH A . 
D 3 HOH 42 178 178 HOH HOH A . 
D 3 HOH 43 180 180 HOH HOH A . 
D 3 HOH 44 181 181 HOH HOH A . 
D 3 HOH 45 182 182 HOH HOH A . 
D 3 HOH 46 183 183 HOH HOH A . 
D 3 HOH 47 187 187 HOH HOH A . 
D 3 HOH 48 188 188 HOH HOH A . 
D 3 HOH 49 190 190 HOH HOH A . 
D 3 HOH 50 192 192 HOH HOH A . 
D 3 HOH 51 193 193 HOH HOH A . 
D 3 HOH 52 198 198 HOH HOH A . 
D 3 HOH 53 200 200 HOH HOH A . 
D 3 HOH 54 201 201 HOH HOH A . 
D 3 HOH 55 202 202 HOH HOH A . 
D 3 HOH 56 203 203 HOH HOH A . 
D 3 HOH 57 208 208 HOH HOH A . 
D 3 HOH 58 209 209 HOH HOH A . 
D 3 HOH 59 210 210 HOH HOH A . 
D 3 HOH 60 211 211 HOH HOH A . 
D 3 HOH 61 212 212 HOH HOH A . 
D 3 HOH 62 213 213 HOH HOH A . 
E 3 HOH 1  101 101 HOH HOH B . 
E 3 HOH 2  105 105 HOH HOH B . 
E 3 HOH 3  107 107 HOH HOH B . 
E 3 HOH 4  109 109 HOH HOH B . 
E 3 HOH 5  113 113 HOH HOH B . 
E 3 HOH 6  116 116 HOH HOH B . 
E 3 HOH 7  117 117 HOH HOH B . 
E 3 HOH 8  119 119 HOH HOH B . 
E 3 HOH 9  121 121 HOH HOH B . 
E 3 HOH 10 126 126 HOH HOH B . 
E 3 HOH 11 131 131 HOH HOH B . 
E 3 HOH 12 132 132 HOH HOH B . 
E 3 HOH 13 133 133 HOH HOH B . 
E 3 HOH 14 134 134 HOH HOH B . 
E 3 HOH 15 139 139 HOH HOH B . 
E 3 HOH 16 140 140 HOH HOH B . 
E 3 HOH 17 141 141 HOH HOH B . 
E 3 HOH 18 142 142 HOH HOH B . 
E 3 HOH 19 143 143 HOH HOH B . 
E 3 HOH 20 144 144 HOH HOH B . 
E 3 HOH 21 147 147 HOH HOH B . 
E 3 HOH 22 150 150 HOH HOH B . 
E 3 HOH 23 151 151 HOH HOH B . 
E 3 HOH 24 152 152 HOH HOH B . 
E 3 HOH 25 153 153 HOH HOH B . 
E 3 HOH 26 155 155 HOH HOH B . 
E 3 HOH 27 157 157 HOH HOH B . 
E 3 HOH 28 159 159 HOH HOH B . 
E 3 HOH 29 160 160 HOH HOH B . 
E 3 HOH 30 161 161 HOH HOH B . 
E 3 HOH 31 164 164 HOH HOH B . 
E 3 HOH 32 165 165 HOH HOH B . 
E 3 HOH 33 166 166 HOH HOH B . 
E 3 HOH 34 168 168 HOH HOH B . 
E 3 HOH 35 169 169 HOH HOH B . 
E 3 HOH 36 170 170 HOH HOH B . 
E 3 HOH 37 179 179 HOH HOH B . 
E 3 HOH 38 184 184 HOH HOH B . 
E 3 HOH 39 185 185 HOH HOH B . 
E 3 HOH 40 186 186 HOH HOH B . 
E 3 HOH 41 189 189 HOH HOH B . 
E 3 HOH 42 191 191 HOH HOH B . 
E 3 HOH 43 194 194 HOH HOH B . 
E 3 HOH 44 195 195 HOH HOH B . 
E 3 HOH 45 196 196 HOH HOH B . 
E 3 HOH 46 197 197 HOH HOH B . 
E 3 HOH 47 199 199 HOH HOH B . 
E 3 HOH 48 204 204 HOH HOH B . 
E 3 HOH 49 205 205 HOH HOH B . 
E 3 HOH 50 206 206 HOH HOH B . 
E 3 HOH 51 207 207 HOH HOH B . 
# 
loop_
_pdbx_struct_mod_residue.id 
_pdbx_struct_mod_residue.label_asym_id 
_pdbx_struct_mod_residue.label_comp_id 
_pdbx_struct_mod_residue.label_seq_id 
_pdbx_struct_mod_residue.auth_asym_id 
_pdbx_struct_mod_residue.auth_comp_id 
_pdbx_struct_mod_residue.auth_seq_id 
_pdbx_struct_mod_residue.PDB_ins_code 
_pdbx_struct_mod_residue.parent_comp_id 
_pdbx_struct_mod_residue.details 
1 A 2NT 6 A 2NT 6  ? DT ? 
2 B 2NT 6 B 2NT 16 ? DT ? 
# 
_pdbx_struct_assembly.id                   1 
_pdbx_struct_assembly.details              author_defined_assembly 
_pdbx_struct_assembly.method_details       ? 
_pdbx_struct_assembly.oligomeric_details   dimeric 
_pdbx_struct_assembly.oligomeric_count     2 
# 
_pdbx_struct_assembly_gen.assembly_id       1 
_pdbx_struct_assembly_gen.oper_expression   1 
_pdbx_struct_assembly_gen.asym_id_list      A,B,C,D,E 
# 
_pdbx_struct_oper_list.id                   1 
_pdbx_struct_oper_list.type                 'identity operation' 
_pdbx_struct_oper_list.name                 1_555 
_pdbx_struct_oper_list.symmetry_operation   x,y,z 
_pdbx_struct_oper_list.matrix[1][1]         1.0000000000 
_pdbx_struct_oper_list.matrix[1][2]         0.0000000000 
_pdbx_struct_oper_list.matrix[1][3]         0.0000000000 
_pdbx_struct_oper_list.vector[1]            0.0000000000 
_pdbx_struct_oper_list.matrix[2][1]         0.0000000000 
_pdbx_struct_oper_list.matrix[2][2]         1.0000000000 
_pdbx_struct_oper_list.matrix[2][3]         0.0000000000 
_pdbx_struct_oper_list.vector[2]            0.0000000000 
_pdbx_struct_oper_list.matrix[3][1]         0.0000000000 
_pdbx_struct_oper_list.matrix[3][2]         0.0000000000 
_pdbx_struct_oper_list.matrix[3][3]         1.0000000000 
_pdbx_struct_oper_list.vector[3]            0.0000000000 
# 
loop_
_pdbx_audit_revision_history.ordinal 
_pdbx_audit_revision_history.data_content_type 
_pdbx_audit_revision_history.major_revision 
_pdbx_audit_revision_history.minor_revision 
_pdbx_audit_revision_history.revision_date 
1 'Structure model' 1 0 2005-06-28 
2 'Structure model' 1 1 2008-04-30 
3 'Structure model' 1 2 2011-07-13 
4 'Structure model' 1 3 2023-08-23 
# 
_pdbx_audit_revision_details.ordinal             1 
_pdbx_audit_revision_details.revision_ordinal    1 
_pdbx_audit_revision_details.data_content_type   'Structure model' 
_pdbx_audit_revision_details.provider            repository 
_pdbx_audit_revision_details.type                'Initial release' 
_pdbx_audit_revision_details.description         ? 
_pdbx_audit_revision_details.details             ? 
# 
loop_
_pdbx_audit_revision_group.ordinal 
_pdbx_audit_revision_group.revision_ordinal 
_pdbx_audit_revision_group.data_content_type 
_pdbx_audit_revision_group.group 
1 2 'Structure model' 'Version format compliance' 
2 3 'Structure model' 'Version format compliance' 
3 4 'Structure model' 'Data collection'           
4 4 'Structure model' 'Database references'       
5 4 'Structure model' 'Derived calculations'      
6 4 'Structure model' 'Refinement description'    
# 
loop_
_pdbx_audit_revision_category.ordinal 
_pdbx_audit_revision_category.revision_ordinal 
_pdbx_audit_revision_category.data_content_type 
_pdbx_audit_revision_category.category 
1 4 'Structure model' chem_comp_atom                
2 4 'Structure model' chem_comp_bond                
3 4 'Structure model' database_2                    
4 4 'Structure model' pdbx_initial_refinement_model 
5 4 'Structure model' struct_conn                   
6 4 'Structure model' struct_site                   
# 
loop_
_pdbx_audit_revision_item.ordinal 
_pdbx_audit_revision_item.revision_ordinal 
_pdbx_audit_revision_item.data_content_type 
_pdbx_audit_revision_item.item 
1 4 'Structure model' '_database_2.pdbx_DOI'                
2 4 'Structure model' '_database_2.pdbx_database_accession' 
3 4 'Structure model' '_struct_conn.pdbx_leaving_atom_flag' 
4 4 'Structure model' '_struct_site.pdbx_auth_asym_id'      
5 4 'Structure model' '_struct_site.pdbx_auth_comp_id'      
6 4 'Structure model' '_struct_site.pdbx_auth_seq_id'       
# 
loop_
_software.name 
_software.classification 
_software.version 
_software.citation_id 
_software.pdbx_ordinal 
DENZO     'data reduction' . ? 1 
SCALEPACK 'data scaling'   . ? 2 
AMoRE     phasing          . ? 3 
CNS       refinement       . ? 4 
# 
loop_
_chem_comp_atom.comp_id 
_chem_comp_atom.atom_id 
_chem_comp_atom.type_symbol 
_chem_comp_atom.pdbx_aromatic_flag 
_chem_comp_atom.pdbx_stereo_config 
_chem_comp_atom.pdbx_ordinal 
2NT P      P  N N 1   
2NT OP3    O  N N 2   
2NT OP2    O  N N 3   
2NT "O5'"  O  N N 4   
2NT "C5'"  C  N N 5   
2NT "C4'"  C  N R 6   
2NT "O4'"  O  N N 7   
2NT "C1'"  C  N R 8   
2NT N1     N  N N 9   
2NT C6     C  N N 10  
2NT C2     C  N N 11  
2NT O2     O  N N 12  
2NT N3     N  N N 13  
2NT C4     C  N N 14  
2NT O4     O  N N 15  
2NT C5     C  N N 16  
2NT C5M    C  N N 17  
2NT "C2'"  C  N R 18  
2NT "O2'"  O  N N 19  
2NT "CB'"  C  N N 20  
2NT "CC'"  C  N N 21  
2NT "OD'"  O  N N 22  
2NT "NE'"  N  N N 23  
2NT "CF'"  C  N N 24  
2NT "OG'"  O  N N 25  
2NT "C3'"  C  N R 26  
2NT "O3'"  O  N N 27  
2NT OP1    O  N N 28  
2NT HOP3   H  N N 29  
2NT HOP2   H  N N 30  
2NT "H5'"  H  N N 31  
2NT "H5''" H  N N 32  
2NT "H4'"  H  N N 33  
2NT "H1'"  H  N N 34  
2NT H6     H  N N 35  
2NT HN3    H  N N 36  
2NT H71    H  N N 37  
2NT H72    H  N N 38  
2NT H73    H  N N 39  
2NT "H2'"  H  N N 40  
2NT "HB'1" H  N N 41  
2NT "HB'2" H  N N 42  
2NT "HC'1" H  N N 43  
2NT "HC'2" H  N N 44  
2NT "HE'"  H  N N 45  
2NT "HF'1" H  N N 46  
2NT "HF'2" H  N N 47  
2NT "HG'"  H  N N 48  
2NT "H3'"  H  N N 49  
2NT "HO3'" H  N N 50  
BA  BA     BA N N 51  
DA  OP3    O  N N 52  
DA  P      P  N N 53  
DA  OP1    O  N N 54  
DA  OP2    O  N N 55  
DA  "O5'"  O  N N 56  
DA  "C5'"  C  N N 57  
DA  "C4'"  C  N R 58  
DA  "O4'"  O  N N 59  
DA  "C3'"  C  N S 60  
DA  "O3'"  O  N N 61  
DA  "C2'"  C  N N 62  
DA  "C1'"  C  N R 63  
DA  N9     N  Y N 64  
DA  C8     C  Y N 65  
DA  N7     N  Y N 66  
DA  C5     C  Y N 67  
DA  C6     C  Y N 68  
DA  N6     N  N N 69  
DA  N1     N  Y N 70  
DA  C2     C  Y N 71  
DA  N3     N  Y N 72  
DA  C4     C  Y N 73  
DA  HOP3   H  N N 74  
DA  HOP2   H  N N 75  
DA  "H5'"  H  N N 76  
DA  "H5''" H  N N 77  
DA  "H4'"  H  N N 78  
DA  "H3'"  H  N N 79  
DA  "HO3'" H  N N 80  
DA  "H2'"  H  N N 81  
DA  "H2''" H  N N 82  
DA  "H1'"  H  N N 83  
DA  H8     H  N N 84  
DA  H61    H  N N 85  
DA  H62    H  N N 86  
DA  H2     H  N N 87  
DC  OP3    O  N N 88  
DC  P      P  N N 89  
DC  OP1    O  N N 90  
DC  OP2    O  N N 91  
DC  "O5'"  O  N N 92  
DC  "C5'"  C  N N 93  
DC  "C4'"  C  N R 94  
DC  "O4'"  O  N N 95  
DC  "C3'"  C  N S 96  
DC  "O3'"  O  N N 97  
DC  "C2'"  C  N N 98  
DC  "C1'"  C  N R 99  
DC  N1     N  N N 100 
DC  C2     C  N N 101 
DC  O2     O  N N 102 
DC  N3     N  N N 103 
DC  C4     C  N N 104 
DC  N4     N  N N 105 
DC  C5     C  N N 106 
DC  C6     C  N N 107 
DC  HOP3   H  N N 108 
DC  HOP2   H  N N 109 
DC  "H5'"  H  N N 110 
DC  "H5''" H  N N 111 
DC  "H4'"  H  N N 112 
DC  "H3'"  H  N N 113 
DC  "HO3'" H  N N 114 
DC  "H2'"  H  N N 115 
DC  "H2''" H  N N 116 
DC  "H1'"  H  N N 117 
DC  H41    H  N N 118 
DC  H42    H  N N 119 
DC  H5     H  N N 120 
DC  H6     H  N N 121 
DG  OP3    O  N N 122 
DG  P      P  N N 123 
DG  OP1    O  N N 124 
DG  OP2    O  N N 125 
DG  "O5'"  O  N N 126 
DG  "C5'"  C  N N 127 
DG  "C4'"  C  N R 128 
DG  "O4'"  O  N N 129 
DG  "C3'"  C  N S 130 
DG  "O3'"  O  N N 131 
DG  "C2'"  C  N N 132 
DG  "C1'"  C  N R 133 
DG  N9     N  Y N 134 
DG  C8     C  Y N 135 
DG  N7     N  Y N 136 
DG  C5     C  Y N 137 
DG  C6     C  N N 138 
DG  O6     O  N N 139 
DG  N1     N  N N 140 
DG  C2     C  N N 141 
DG  N2     N  N N 142 
DG  N3     N  N N 143 
DG  C4     C  Y N 144 
DG  HOP3   H  N N 145 
DG  HOP2   H  N N 146 
DG  "H5'"  H  N N 147 
DG  "H5''" H  N N 148 
DG  "H4'"  H  N N 149 
DG  "H3'"  H  N N 150 
DG  "HO3'" H  N N 151 
DG  "H2'"  H  N N 152 
DG  "H2''" H  N N 153 
DG  "H1'"  H  N N 154 
DG  H8     H  N N 155 
DG  H1     H  N N 156 
DG  H21    H  N N 157 
DG  H22    H  N N 158 
DT  OP3    O  N N 159 
DT  P      P  N N 160 
DT  OP1    O  N N 161 
DT  OP2    O  N N 162 
DT  "O5'"  O  N N 163 
DT  "C5'"  C  N N 164 
DT  "C4'"  C  N R 165 
DT  "O4'"  O  N N 166 
DT  "C3'"  C  N S 167 
DT  "O3'"  O  N N 168 
DT  "C2'"  C  N N 169 
DT  "C1'"  C  N R 170 
DT  N1     N  N N 171 
DT  C2     C  N N 172 
DT  O2     O  N N 173 
DT  N3     N  N N 174 
DT  C4     C  N N 175 
DT  O4     O  N N 176 
DT  C5     C  N N 177 
DT  C7     C  N N 178 
DT  C6     C  N N 179 
DT  HOP3   H  N N 180 
DT  HOP2   H  N N 181 
DT  "H5'"  H  N N 182 
DT  "H5''" H  N N 183 
DT  "H4'"  H  N N 184 
DT  "H3'"  H  N N 185 
DT  "HO3'" H  N N 186 
DT  "H2'"  H  N N 187 
DT  "H2''" H  N N 188 
DT  "H1'"  H  N N 189 
DT  H3     H  N N 190 
DT  H71    H  N N 191 
DT  H72    H  N N 192 
DT  H73    H  N N 193 
DT  H6     H  N N 194 
HOH O      O  N N 195 
HOH H1     H  N N 196 
HOH H2     H  N N 197 
# 
loop_
_chem_comp_bond.comp_id 
_chem_comp_bond.atom_id_1 
_chem_comp_bond.atom_id_2 
_chem_comp_bond.value_order 
_chem_comp_bond.pdbx_aromatic_flag 
_chem_comp_bond.pdbx_stereo_config 
_chem_comp_bond.pdbx_ordinal 
2NT P     OP3    sing N N 1   
2NT P     OP2    sing N N 2   
2NT P     "O5'"  sing N N 3   
2NT P     OP1    doub N N 4   
2NT OP3   HOP3   sing N N 5   
2NT OP2   HOP2   sing N N 6   
2NT "O5'" "C5'"  sing N N 7   
2NT "C5'" "C4'"  sing N N 8   
2NT "C5'" "H5'"  sing N N 9   
2NT "C5'" "H5''" sing N N 10  
2NT "C4'" "O4'"  sing N N 11  
2NT "C4'" "C3'"  sing N N 12  
2NT "C4'" "H4'"  sing N N 13  
2NT "O4'" "C1'"  sing N N 14  
2NT "C1'" N1     sing N N 15  
2NT "C1'" "C2'"  sing N N 16  
2NT "C1'" "H1'"  sing N N 17  
2NT N1    C6     sing N N 18  
2NT N1    C2     sing N N 19  
2NT C6    C5     doub N N 20  
2NT C6    H6     sing N N 21  
2NT C2    O2     doub N N 22  
2NT C2    N3     sing N N 23  
2NT N3    C4     sing N N 24  
2NT N3    HN3    sing N N 25  
2NT C4    O4     doub N N 26  
2NT C4    C5     sing N N 27  
2NT C5    C5M    sing N N 28  
2NT C5M   H71    sing N N 29  
2NT C5M   H72    sing N N 30  
2NT C5M   H73    sing N N 31  
2NT "C2'" "O2'"  sing N N 32  
2NT "C2'" "C3'"  sing N N 33  
2NT "C2'" "H2'"  sing N N 34  
2NT "O2'" "CB'"  sing N N 35  
2NT "CB'" "CC'"  sing N N 36  
2NT "CB'" "HB'1" sing N N 37  
2NT "CB'" "HB'2" sing N N 38  
2NT "CC'" "OD'"  sing N N 39  
2NT "CC'" "HC'1" sing N N 40  
2NT "CC'" "HC'2" sing N N 41  
2NT "OD'" "NE'"  sing N N 42  
2NT "NE'" "CF'"  sing N N 43  
2NT "NE'" "HE'"  sing N N 44  
2NT "CF'" "OG'"  sing N N 45  
2NT "CF'" "HF'1" sing N N 46  
2NT "CF'" "HF'2" sing N N 47  
2NT "OG'" "HG'"  sing N N 48  
2NT "C3'" "O3'"  sing N N 49  
2NT "C3'" "H3'"  sing N N 50  
2NT "O3'" "HO3'" sing N N 51  
DA  OP3   P      sing N N 52  
DA  OP3   HOP3   sing N N 53  
DA  P     OP1    doub N N 54  
DA  P     OP2    sing N N 55  
DA  P     "O5'"  sing N N 56  
DA  OP2   HOP2   sing N N 57  
DA  "O5'" "C5'"  sing N N 58  
DA  "C5'" "C4'"  sing N N 59  
DA  "C5'" "H5'"  sing N N 60  
DA  "C5'" "H5''" sing N N 61  
DA  "C4'" "O4'"  sing N N 62  
DA  "C4'" "C3'"  sing N N 63  
DA  "C4'" "H4'"  sing N N 64  
DA  "O4'" "C1'"  sing N N 65  
DA  "C3'" "O3'"  sing N N 66  
DA  "C3'" "C2'"  sing N N 67  
DA  "C3'" "H3'"  sing N N 68  
DA  "O3'" "HO3'" sing N N 69  
DA  "C2'" "C1'"  sing N N 70  
DA  "C2'" "H2'"  sing N N 71  
DA  "C2'" "H2''" sing N N 72  
DA  "C1'" N9     sing N N 73  
DA  "C1'" "H1'"  sing N N 74  
DA  N9    C8     sing Y N 75  
DA  N9    C4     sing Y N 76  
DA  C8    N7     doub Y N 77  
DA  C8    H8     sing N N 78  
DA  N7    C5     sing Y N 79  
DA  C5    C6     sing Y N 80  
DA  C5    C4     doub Y N 81  
DA  C6    N6     sing N N 82  
DA  C6    N1     doub Y N 83  
DA  N6    H61    sing N N 84  
DA  N6    H62    sing N N 85  
DA  N1    C2     sing Y N 86  
DA  C2    N3     doub Y N 87  
DA  C2    H2     sing N N 88  
DA  N3    C4     sing Y N 89  
DC  OP3   P      sing N N 90  
DC  OP3   HOP3   sing N N 91  
DC  P     OP1    doub N N 92  
DC  P     OP2    sing N N 93  
DC  P     "O5'"  sing N N 94  
DC  OP2   HOP2   sing N N 95  
DC  "O5'" "C5'"  sing N N 96  
DC  "C5'" "C4'"  sing N N 97  
DC  "C5'" "H5'"  sing N N 98  
DC  "C5'" "H5''" sing N N 99  
DC  "C4'" "O4'"  sing N N 100 
DC  "C4'" "C3'"  sing N N 101 
DC  "C4'" "H4'"  sing N N 102 
DC  "O4'" "C1'"  sing N N 103 
DC  "C3'" "O3'"  sing N N 104 
DC  "C3'" "C2'"  sing N N 105 
DC  "C3'" "H3'"  sing N N 106 
DC  "O3'" "HO3'" sing N N 107 
DC  "C2'" "C1'"  sing N N 108 
DC  "C2'" "H2'"  sing N N 109 
DC  "C2'" "H2''" sing N N 110 
DC  "C1'" N1     sing N N 111 
DC  "C1'" "H1'"  sing N N 112 
DC  N1    C2     sing N N 113 
DC  N1    C6     sing N N 114 
DC  C2    O2     doub N N 115 
DC  C2    N3     sing N N 116 
DC  N3    C4     doub N N 117 
DC  C4    N4     sing N N 118 
DC  C4    C5     sing N N 119 
DC  N4    H41    sing N N 120 
DC  N4    H42    sing N N 121 
DC  C5    C6     doub N N 122 
DC  C5    H5     sing N N 123 
DC  C6    H6     sing N N 124 
DG  OP3   P      sing N N 125 
DG  OP3   HOP3   sing N N 126 
DG  P     OP1    doub N N 127 
DG  P     OP2    sing N N 128 
DG  P     "O5'"  sing N N 129 
DG  OP2   HOP2   sing N N 130 
DG  "O5'" "C5'"  sing N N 131 
DG  "C5'" "C4'"  sing N N 132 
DG  "C5'" "H5'"  sing N N 133 
DG  "C5'" "H5''" sing N N 134 
DG  "C4'" "O4'"  sing N N 135 
DG  "C4'" "C3'"  sing N N 136 
DG  "C4'" "H4'"  sing N N 137 
DG  "O4'" "C1'"  sing N N 138 
DG  "C3'" "O3'"  sing N N 139 
DG  "C3'" "C2'"  sing N N 140 
DG  "C3'" "H3'"  sing N N 141 
DG  "O3'" "HO3'" sing N N 142 
DG  "C2'" "C1'"  sing N N 143 
DG  "C2'" "H2'"  sing N N 144 
DG  "C2'" "H2''" sing N N 145 
DG  "C1'" N9     sing N N 146 
DG  "C1'" "H1'"  sing N N 147 
DG  N9    C8     sing Y N 148 
DG  N9    C4     sing Y N 149 
DG  C8    N7     doub Y N 150 
DG  C8    H8     sing N N 151 
DG  N7    C5     sing Y N 152 
DG  C5    C6     sing N N 153 
DG  C5    C4     doub Y N 154 
DG  C6    O6     doub N N 155 
DG  C6    N1     sing N N 156 
DG  N1    C2     sing N N 157 
DG  N1    H1     sing N N 158 
DG  C2    N2     sing N N 159 
DG  C2    N3     doub N N 160 
DG  N2    H21    sing N N 161 
DG  N2    H22    sing N N 162 
DG  N3    C4     sing N N 163 
DT  OP3   P      sing N N 164 
DT  OP3   HOP3   sing N N 165 
DT  P     OP1    doub N N 166 
DT  P     OP2    sing N N 167 
DT  P     "O5'"  sing N N 168 
DT  OP2   HOP2   sing N N 169 
DT  "O5'" "C5'"  sing N N 170 
DT  "C5'" "C4'"  sing N N 171 
DT  "C5'" "H5'"  sing N N 172 
DT  "C5'" "H5''" sing N N 173 
DT  "C4'" "O4'"  sing N N 174 
DT  "C4'" "C3'"  sing N N 175 
DT  "C4'" "H4'"  sing N N 176 
DT  "O4'" "C1'"  sing N N 177 
DT  "C3'" "O3'"  sing N N 178 
DT  "C3'" "C2'"  sing N N 179 
DT  "C3'" "H3'"  sing N N 180 
DT  "O3'" "HO3'" sing N N 181 
DT  "C2'" "C1'"  sing N N 182 
DT  "C2'" "H2'"  sing N N 183 
DT  "C2'" "H2''" sing N N 184 
DT  "C1'" N1     sing N N 185 
DT  "C1'" "H1'"  sing N N 186 
DT  N1    C2     sing N N 187 
DT  N1    C6     sing N N 188 
DT  C2    O2     doub N N 189 
DT  C2    N3     sing N N 190 
DT  N3    C4     sing N N 191 
DT  N3    H3     sing N N 192 
DT  C4    O4     doub N N 193 
DT  C4    C5     sing N N 194 
DT  C5    C7     sing N N 195 
DT  C5    C6     doub N N 196 
DT  C7    H71    sing N N 197 
DT  C7    H72    sing N N 198 
DT  C7    H73    sing N N 199 
DT  C6    H6     sing N N 200 
HOH O     H1     sing N N 201 
HOH O     H2     sing N N 202 
# 
_ndb_struct_conf_na.entry_id   1Y7F 
_ndb_struct_conf_na.feature    'a-form double helix' 
# 
loop_
_ndb_struct_na_base_pair.model_number 
_ndb_struct_na_base_pair.i_label_asym_id 
_ndb_struct_na_base_pair.i_label_comp_id 
_ndb_struct_na_base_pair.i_label_seq_id 
_ndb_struct_na_base_pair.i_symmetry 
_ndb_struct_na_base_pair.j_label_asym_id 
_ndb_struct_na_base_pair.j_label_comp_id 
_ndb_struct_na_base_pair.j_label_seq_id 
_ndb_struct_na_base_pair.j_symmetry 
_ndb_struct_na_base_pair.shear 
_ndb_struct_na_base_pair.stretch 
_ndb_struct_na_base_pair.stagger 
_ndb_struct_na_base_pair.buckle 
_ndb_struct_na_base_pair.propeller 
_ndb_struct_na_base_pair.opening 
_ndb_struct_na_base_pair.pair_number 
_ndb_struct_na_base_pair.pair_name 
_ndb_struct_na_base_pair.i_auth_asym_id 
_ndb_struct_na_base_pair.i_auth_seq_id 
_ndb_struct_na_base_pair.i_PDB_ins_code 
_ndb_struct_na_base_pair.j_auth_asym_id 
_ndb_struct_na_base_pair.j_auth_seq_id 
_ndb_struct_na_base_pair.j_PDB_ins_code 
_ndb_struct_na_base_pair.hbond_type_28 
_ndb_struct_na_base_pair.hbond_type_12 
1 A DG  1  1_555 B DC  10 1_555 -0.286 -0.145 0.183  2.254  -5.765  -2.345 1  A_DG1:DC20_B  A 1  ? B 20 ? 19 1 
1 A DC  2  1_555 B DG  9  1_555 0.095  -0.109 -0.122 8.112  -16.059 1.230  2  A_DC2:DG19_B  A 2  ? B 19 ? 19 1 
1 A DG  3  1_555 B DC  8  1_555 -0.303 -0.092 -0.053 -8.514 -15.050 2.280  3  A_DG3:DC18_B  A 3  ? B 18 ? 19 1 
1 A DT  4  1_555 B DA  7  1_555 -0.114 -0.095 -0.067 -2.737 -15.978 -0.564 4  A_DT4:DA17_B  A 4  ? B 17 ? 20 1 
1 A DA  5  1_555 B 2NT 6  1_555 0.224  -0.107 0.179  -2.295 -12.799 -5.721 5  A_DA5:2NT16_B A 5  ? B 16 ? 20 1 
1 A 2NT 6  1_555 B DA  5  1_555 -0.068 -0.086 0.302  5.133  -13.825 5.097  6  A_2NT6:DA15_B A 6  ? B 15 ? 20 1 
1 A DA  7  1_555 B DT  4  1_555 -0.044 -0.143 0.087  3.451  -11.655 1.181  7  A_DA7:DT14_B  A 7  ? B 14 ? 20 1 
1 A DC  8  1_555 B DG  3  1_555 0.235  -0.173 -0.039 6.550  -12.395 -0.612 8  A_DC8:DG13_B  A 8  ? B 13 ? 19 1 
1 A DG  9  1_555 B DC  2  1_555 -0.171 -0.123 -0.074 -6.991 -10.034 2.773  9  A_DG9:DC12_B  A 9  ? B 12 ? 19 1 
1 A DC  10 1_555 B DG  1  1_555 0.189  -0.121 0.139  -4.780 6.182   -0.288 10 A_DC10:DG11_B A 10 ? B 11 ? 19 1 
# 
loop_
_ndb_struct_na_base_pair_step.model_number 
_ndb_struct_na_base_pair_step.i_label_asym_id_1 
_ndb_struct_na_base_pair_step.i_label_comp_id_1 
_ndb_struct_na_base_pair_step.i_label_seq_id_1 
_ndb_struct_na_base_pair_step.i_symmetry_1 
_ndb_struct_na_base_pair_step.j_label_asym_id_1 
_ndb_struct_na_base_pair_step.j_label_comp_id_1 
_ndb_struct_na_base_pair_step.j_label_seq_id_1 
_ndb_struct_na_base_pair_step.j_symmetry_1 
_ndb_struct_na_base_pair_step.i_label_asym_id_2 
_ndb_struct_na_base_pair_step.i_label_comp_id_2 
_ndb_struct_na_base_pair_step.i_label_seq_id_2 
_ndb_struct_na_base_pair_step.i_symmetry_2 
_ndb_struct_na_base_pair_step.j_label_asym_id_2 
_ndb_struct_na_base_pair_step.j_label_comp_id_2 
_ndb_struct_na_base_pair_step.j_label_seq_id_2 
_ndb_struct_na_base_pair_step.j_symmetry_2 
_ndb_struct_na_base_pair_step.shift 
_ndb_struct_na_base_pair_step.slide 
_ndb_struct_na_base_pair_step.rise 
_ndb_struct_na_base_pair_step.tilt 
_ndb_struct_na_base_pair_step.roll 
_ndb_struct_na_base_pair_step.twist 
_ndb_struct_na_base_pair_step.x_displacement 
_ndb_struct_na_base_pair_step.y_displacement 
_ndb_struct_na_base_pair_step.helical_rise 
_ndb_struct_na_base_pair_step.inclination 
_ndb_struct_na_base_pair_step.tip 
_ndb_struct_na_base_pair_step.helical_twist 
_ndb_struct_na_base_pair_step.step_number 
_ndb_struct_na_base_pair_step.step_name 
_ndb_struct_na_base_pair_step.i_auth_asym_id_1 
_ndb_struct_na_base_pair_step.i_auth_seq_id_1 
_ndb_struct_na_base_pair_step.i_PDB_ins_code_1 
_ndb_struct_na_base_pair_step.j_auth_asym_id_1 
_ndb_struct_na_base_pair_step.j_auth_seq_id_1 
_ndb_struct_na_base_pair_step.j_PDB_ins_code_1 
_ndb_struct_na_base_pair_step.i_auth_asym_id_2 
_ndb_struct_na_base_pair_step.i_auth_seq_id_2 
_ndb_struct_na_base_pair_step.i_PDB_ins_code_2 
_ndb_struct_na_base_pair_step.j_auth_asym_id_2 
_ndb_struct_na_base_pair_step.j_auth_seq_id_2 
_ndb_struct_na_base_pair_step.j_PDB_ins_code_2 
1 A DG  1 1_555 B DC  10 1_555 A DC  2  1_555 B DG  9 1_555 0.309  -1.409 3.145 3.476  0.805  39.487 -2.168 -0.066 3.132 1.188  
-5.132 39.642 1 AA_DG1DC2:DG19DC20_BB   A 1 ? B 20 ? A 2  ? B 19 ? 
1 A DC  2 1_555 B DG  9  1_555 A DG  3  1_555 B DC  8 1_555 0.275  -2.092 3.614 0.135  11.873 25.501 -7.016 -0.536 2.418 25.227 
-0.286 28.088 2 AA_DC2DG3:DC18DG19_BB   A 2 ? B 19 ? A 3  ? B 18 ? 
1 A DG  3 1_555 B DC  8  1_555 A DT  4  1_555 B DA  7 1_555 -1.216 -1.434 3.034 -2.578 4.571  36.250 -2.857 1.612  2.914 7.300  
4.117  36.615 3 AA_DG3DT4:DA17DC18_BB   A 3 ? B 18 ? A 4  ? B 17 ? 
1 A DT  4 1_555 B DA  7  1_555 A DA  5  1_555 B 2NT 6 1_555 0.611  -1.650 3.208 1.288  19.401 26.631 -5.675 -0.896 1.679 36.565 
-2.428 32.870 4 AA_DT4DA5:2NT16DA17_BB  A 4 ? B 17 ? A 5  ? B 16 ? 
1 A DA  5 1_555 B 2NT 6  1_555 A 2NT 6  1_555 B DA  5 1_555 0.891  -1.415 3.062 0.851  5.010  31.467 -3.405 -1.483 2.831 9.164  
-1.557 31.864 5 AA_DA52NT6:DA152NT16_BB A 5 ? B 16 ? A 6  ? B 15 ? 
1 A 2NT 6 1_555 B DA  5  1_555 A DA  7  1_555 B DT  4 1_555 -0.285 -1.497 3.083 1.368  15.264 30.439 -4.607 0.671  2.102 27.027 
-2.421 33.998 6 AA_2NT6DA7:DT14DA15_BB  A 6 ? B 15 ? A 7  ? B 14 ? 
1 A DA  7 1_555 B DT  4  1_555 A DC  8  1_555 B DG  3 1_555 0.184  -1.686 3.295 0.912  2.916  32.127 -3.544 -0.172 3.137 5.254  
-1.643 32.268 7 AA_DA7DC8:DG13DT14_BB   A 7 ? B 14 ? A 8  ? B 13 ? 
1 A DC  8 1_555 B DG  3  1_555 A DG  9  1_555 B DC  2 1_555 -0.139 -1.916 3.485 0.822  12.567 28.794 -5.785 0.404  2.450 23.881 
-1.562 31.375 8 AA_DC8DG9:DC12DG13_BB   A 8 ? B 13 ? A 9  ? B 12 ? 
1 A DG  9 1_555 B DC  2  1_555 A DC  10 1_555 B DG  1 1_555 0.218  -1.751 3.341 -0.733 1.310  34.760 -3.130 -0.477 3.270 2.191  
1.226  34.792 9 AA_DG9DC10:DG11DC12_BB  A 9 ? B 12 ? A 10 ? B 11 ? 
# 
loop_
_pdbx_entity_nonpoly.entity_id 
_pdbx_entity_nonpoly.name 
_pdbx_entity_nonpoly.comp_id 
2 'BARIUM ION' BA  
3 water        HOH 
# 
_pdbx_initial_refinement_model.id               1 
_pdbx_initial_refinement_model.entity_id_list   ? 
_pdbx_initial_refinement_model.type             'experimental model' 
_pdbx_initial_refinement_model.source_name      PDB 
_pdbx_initial_refinement_model.accession_code   410D 
_pdbx_initial_refinement_model.details          'pdb entry 410D' 
# 
